data_8YES
#
_entry.id   8YES
#
_cell.length_a   99.213
_cell.length_b   102.922
_cell.length_c   129.228
_cell.angle_alpha   90.000
_cell.angle_beta   90.000
_cell.angle_gamma   90.000
#
_symmetry.space_group_name_H-M   'P 2 21 21'
#
loop_
_entity.id
_entity.type
_entity.pdbx_description
1 polymer 'Bifunctional adenosylcobalamin biosynthesis protein'
2 non-polymer COBALAMIN
3 non-polymer "5'-DEOXYADENOSINE"
4 non-polymer 'PHOSPHATE ION'
5 water water
#
_entity_poly.entity_id   1
_entity_poly.type   'polypeptide(L)'
_entity_poly.pdbx_seq_one_letter_code
;DPIKSLLVVGGARSGKSRFAQRMAEASGRSLVLIATAQPLDAEMADRISRHAADRDARWTLIEAFFDLGQTLRREAQPER
LLVVDSVTLWLSNLLLRGDDLSPPIKDLARTAARLEGPVIFVSNEVGAGIVPDNALARAFRDAQGMCNQRLAEACDAVTL
VTAGIATQIKPGPEPVFRF
;
_entity_poly.pdbx_strand_id   A,B,C,D,E,F
#
# COMPACT_ATOMS: atom_id res chain seq x y z
N ASP A 1 6.57 -36.95 -2.15
CA ASP A 1 7.79 -36.36 -2.79
C ASP A 1 8.62 -35.63 -1.71
N PRO A 2 9.58 -36.30 -1.02
CA PRO A 2 9.99 -35.89 0.33
C PRO A 2 10.90 -34.66 0.40
N ILE A 3 10.78 -33.86 1.45
CA ILE A 3 11.50 -32.56 1.58
C ILE A 3 12.11 -32.48 2.98
N LYS A 4 13.03 -31.53 3.19
CA LYS A 4 13.67 -31.28 4.51
C LYS A 4 13.23 -29.93 5.07
N SER A 5 12.79 -29.01 4.20
CA SER A 5 12.67 -27.56 4.48
C SER A 5 11.50 -26.95 3.73
N LEU A 6 10.70 -26.18 4.47
CA LEU A 6 9.50 -25.50 3.98
C LEU A 6 9.55 -24.05 4.48
N LEU A 7 9.34 -23.11 3.58
CA LEU A 7 9.10 -21.69 3.90
C LEU A 7 7.60 -21.43 3.74
N VAL A 8 6.95 -20.95 4.80
CA VAL A 8 5.56 -20.44 4.72
C VAL A 8 5.63 -18.90 4.85
N VAL A 9 5.24 -18.18 3.78
CA VAL A 9 5.14 -16.67 3.74
C VAL A 9 3.67 -16.23 3.70
N GLY A 10 3.32 -15.19 4.47
CA GLY A 10 2.05 -14.44 4.35
C GLY A 10 2.01 -13.13 5.12
N GLY A 11 0.94 -12.36 4.91
CA GLY A 11 0.67 -11.07 5.57
C GLY A 11 0.33 -11.32 7.02
N ALA A 12 0.05 -10.26 7.78
CA ALA A 12 -0.41 -10.34 9.18
C ALA A 12 -1.80 -10.97 9.24
N ARG A 13 -1.97 -11.94 10.14
CA ARG A 13 -3.25 -12.66 10.39
C ARG A 13 -3.73 -13.22 9.05
N SER A 14 -2.85 -13.92 8.35
CA SER A 14 -3.05 -14.60 7.05
C SER A 14 -3.42 -16.08 7.26
N GLY A 15 -3.24 -16.62 8.47
CA GLY A 15 -3.30 -18.06 8.77
C GLY A 15 -2.00 -18.86 8.53
N LYS A 16 -0.83 -18.22 8.43
CA LYS A 16 0.43 -18.97 8.14
C LYS A 16 0.86 -19.87 9.32
N SER A 17 0.70 -19.45 10.57
CA SER A 17 0.96 -20.27 11.80
C SER A 17 0.12 -21.55 11.83
N ARG A 18 -1.21 -21.41 11.83
CA ARG A 18 -2.17 -22.53 11.66
C ARG A 18 -1.62 -23.51 10.61
N PHE A 19 -1.19 -23.00 9.46
CA PHE A 19 -0.78 -23.88 8.33
C PHE A 19 0.53 -24.60 8.67
N ALA A 20 1.50 -23.89 9.22
CA ALA A 20 2.78 -24.50 9.60
C ALA A 20 2.49 -25.56 10.67
N GLN A 21 1.57 -25.26 11.59
CA GLN A 21 1.23 -26.18 12.69
C GLN A 21 0.57 -27.45 12.09
N ARG A 22 -0.22 -27.32 11.04
CA ARG A 22 -0.94 -28.49 10.45
C ARG A 22 0.07 -29.41 9.75
N MET A 23 0.97 -28.88 8.93
CA MET A 23 2.02 -29.65 8.23
C MET A 23 2.95 -30.31 9.27
N ALA A 24 3.18 -29.65 10.40
CA ALA A 24 4.06 -30.13 11.49
C ALA A 24 3.43 -31.38 12.14
N GLU A 25 2.16 -31.27 12.52
CA GLU A 25 1.40 -32.35 13.18
C GLU A 25 1.14 -33.51 12.20
N ALA A 26 1.09 -33.23 10.88
CA ALA A 26 0.88 -34.22 9.80
C ALA A 26 2.06 -35.20 9.66
N SER A 27 3.24 -34.84 10.15
CA SER A 27 4.51 -35.57 9.94
C SER A 27 4.65 -36.70 10.99
N GLY A 28 4.09 -36.49 12.19
CA GLY A 28 4.18 -37.47 13.28
C GLY A 28 5.53 -37.44 14.01
N ARG A 29 6.50 -36.67 13.54
CA ARG A 29 7.78 -36.47 14.27
C ARG A 29 7.51 -35.81 15.63
N SER A 30 8.55 -35.68 16.45
CA SER A 30 8.58 -34.87 17.70
C SER A 30 8.76 -33.39 17.31
N LEU A 31 8.01 -32.51 17.98
CA LEU A 31 7.67 -31.15 17.52
C LEU A 31 8.24 -30.10 18.49
N VAL A 32 9.03 -29.18 17.93
CA VAL A 32 9.74 -28.09 18.66
C VAL A 32 9.37 -26.76 18.00
N LEU A 33 8.78 -25.86 18.78
CA LEU A 33 8.70 -24.44 18.42
C LEU A 33 10.07 -23.83 18.73
N ILE A 34 10.69 -23.22 17.72
CA ILE A 34 11.83 -22.28 17.87
C ILE A 34 11.22 -20.88 17.99
N ALA A 35 10.93 -20.44 19.21
CA ALA A 35 10.50 -19.06 19.52
C ALA A 35 11.66 -18.07 19.28
N THR A 36 11.39 -16.98 18.54
CA THR A 36 12.39 -15.95 18.12
C THR A 36 12.11 -14.61 18.80
N ALA A 37 11.13 -14.54 19.68
CA ALA A 37 10.90 -13.33 20.51
C ALA A 37 10.10 -13.70 21.77
N GLN A 38 10.37 -13.05 22.90
CA GLN A 38 9.43 -13.06 24.06
C GLN A 38 8.52 -11.85 23.85
N PRO A 39 7.41 -11.70 24.61
CA PRO A 39 6.52 -10.57 24.43
C PRO A 39 6.86 -9.46 25.42
N LEU A 40 7.16 -8.26 24.92
CA LEU A 40 7.60 -7.09 25.74
C LEU A 40 6.51 -6.01 25.80
N ASP A 41 5.34 -6.21 25.19
CA ASP A 41 4.16 -5.35 25.43
C ASP A 41 2.95 -6.25 25.64
N ALA A 42 1.81 -5.64 26.00
CA ALA A 42 0.54 -6.30 26.38
C ALA A 42 -0.03 -7.07 25.19
N GLU A 43 -0.12 -6.42 24.02
CA GLU A 43 -0.67 -7.02 22.76
C GLU A 43 0.09 -8.30 22.43
N MET A 44 1.42 -8.23 22.47
CA MET A 44 2.29 -9.37 22.07
C MET A 44 2.16 -10.46 23.14
N ALA A 45 2.04 -10.07 24.41
CA ALA A 45 1.92 -10.99 25.57
C ALA A 45 0.74 -11.95 25.33
N ASP A 46 -0.33 -11.41 24.74
CA ASP A 46 -1.61 -12.13 24.53
C ASP A 46 -1.45 -13.08 23.34
N ARG A 47 -1.06 -12.58 22.16
CA ARG A 47 -0.86 -13.39 20.91
C ARG A 47 -0.01 -14.64 21.21
N ILE A 48 0.93 -14.58 22.16
CA ILE A 48 1.91 -15.67 22.49
C ILE A 48 1.31 -16.59 23.58
N SER A 49 0.13 -16.27 24.13
CA SER A 49 -0.57 -17.06 25.18
C SER A 49 -1.76 -17.85 24.63
N ARG A 50 -2.41 -17.38 23.56
CA ARG A 50 -3.43 -18.15 22.79
C ARG A 50 -2.71 -19.25 21.99
N HIS A 51 -1.55 -18.90 21.39
CA HIS A 51 -0.60 -19.82 20.70
C HIS A 51 -0.18 -20.96 21.65
N ALA A 52 0.10 -20.64 22.93
CA ALA A 52 0.52 -21.61 23.98
C ALA A 52 -0.62 -22.60 24.29
N ALA A 53 -1.85 -22.10 24.47
CA ALA A 53 -3.06 -22.90 24.78
C ALA A 53 -3.49 -23.81 23.61
N ASP A 54 -3.09 -23.53 22.35
CA ASP A 54 -3.52 -24.24 21.11
C ASP A 54 -2.47 -25.27 20.65
N ARG A 55 -1.47 -25.59 21.49
CA ARG A 55 -0.42 -26.60 21.21
C ARG A 55 -0.44 -27.66 22.33
N ASP A 56 -0.74 -28.91 21.98
CA ASP A 56 -0.86 -30.05 22.95
C ASP A 56 0.55 -30.55 23.30
N ALA A 57 0.65 -31.60 24.11
CA ALA A 57 1.90 -32.04 24.78
C ALA A 57 2.92 -32.62 23.79
N ARG A 58 2.57 -32.78 22.51
CA ARG A 58 3.52 -33.18 21.44
C ARG A 58 4.60 -32.09 21.22
N TRP A 59 4.42 -30.87 21.77
CA TRP A 59 5.20 -29.66 21.42
C TRP A 59 6.17 -29.30 22.54
N THR A 60 7.41 -28.98 22.16
CA THR A 60 8.54 -28.50 22.99
C THR A 60 8.89 -27.07 22.55
N LEU A 61 9.48 -26.23 23.41
CA LEU A 61 9.84 -24.81 23.11
C LEU A 61 11.33 -24.55 23.42
N ILE A 62 12.09 -24.17 22.41
CA ILE A 62 13.48 -23.63 22.53
C ILE A 62 13.48 -22.20 21.98
N GLU A 63 13.94 -21.24 22.79
CA GLU A 63 14.17 -19.83 22.41
C GLU A 63 15.46 -19.73 21.59
N ALA A 64 15.46 -18.90 20.56
CA ALA A 64 16.65 -18.44 19.79
C ALA A 64 16.38 -17.03 19.23
N PHE A 65 16.43 -16.04 20.12
CA PHE A 65 16.13 -14.62 19.81
C PHE A 65 17.16 -14.07 18.84
N PHE A 66 18.40 -14.61 18.83
CA PHE A 66 19.56 -14.05 18.09
C PHE A 66 20.34 -15.12 17.34
N ASP A 67 20.69 -16.24 17.95
CA ASP A 67 21.62 -17.25 17.36
C ASP A 67 20.78 -18.39 16.75
N LEU A 68 19.90 -18.00 15.81
CA LEU A 68 18.84 -18.84 15.20
C LEU A 68 19.50 -19.94 14.39
N GLY A 69 20.48 -19.57 13.55
CA GLY A 69 21.28 -20.49 12.70
C GLY A 69 21.97 -21.56 13.53
N GLN A 70 22.81 -21.15 14.49
CA GLN A 70 23.49 -22.01 15.49
C GLN A 70 22.42 -22.90 16.12
N THR A 71 21.33 -22.34 16.64
CA THR A 71 20.30 -23.13 17.34
C THR A 71 19.73 -24.19 16.39
N LEU A 72 19.44 -23.84 15.15
CA LEU A 72 18.90 -24.79 14.15
C LEU A 72 19.91 -25.93 13.92
N ARG A 73 21.21 -25.62 13.91
CA ARG A 73 22.27 -26.63 13.64
C ARG A 73 22.37 -27.59 14.85
N ARG A 74 22.31 -27.08 16.07
CA ARG A 74 22.38 -27.96 17.26
C ARG A 74 21.14 -28.86 17.30
N GLU A 75 19.91 -28.32 17.16
CA GLU A 75 18.62 -28.99 17.53
C GLU A 75 18.04 -29.85 16.40
N ALA A 76 18.37 -29.59 15.13
CA ALA A 76 17.79 -30.27 13.96
C ALA A 76 18.32 -31.71 13.84
N GLN A 77 17.46 -32.72 14.03
CA GLN A 77 17.81 -34.17 13.87
C GLN A 77 16.60 -34.94 13.35
N PRO A 78 16.79 -36.15 12.78
CA PRO A 78 15.75 -36.83 11.98
C PRO A 78 14.47 -37.23 12.71
N GLU A 79 14.51 -37.29 14.04
CA GLU A 79 13.35 -37.61 14.92
C GLU A 79 12.50 -36.35 15.12
N ARG A 80 12.94 -35.21 14.60
CA ARG A 80 12.40 -33.90 15.04
C ARG A 80 11.94 -33.10 13.83
N LEU A 81 10.89 -32.30 14.02
CA LEU A 81 10.55 -31.19 13.10
C LEU A 81 10.60 -29.90 13.90
N LEU A 82 11.40 -28.93 13.43
CA LEU A 82 11.52 -27.61 14.10
C LEU A 82 10.65 -26.62 13.34
N VAL A 83 9.91 -25.79 14.06
CA VAL A 83 9.15 -24.69 13.40
C VAL A 83 9.71 -23.38 13.93
N VAL A 84 10.34 -22.60 13.04
CA VAL A 84 10.82 -21.23 13.37
C VAL A 84 9.58 -20.33 13.32
N ASP A 85 9.18 -19.86 14.50
CA ASP A 85 7.90 -19.17 14.78
C ASP A 85 7.73 -17.94 13.88
N SER A 86 8.73 -17.07 13.84
CA SER A 86 8.77 -15.82 13.05
C SER A 86 10.22 -15.43 12.70
N VAL A 87 10.62 -15.68 11.47
CA VAL A 87 11.86 -15.11 10.86
C VAL A 87 11.81 -13.60 11.03
N THR A 88 10.63 -13.00 10.86
CA THR A 88 10.39 -11.55 10.91
C THR A 88 10.86 -11.02 12.26
N LEU A 89 10.48 -11.66 13.37
CA LEU A 89 10.89 -11.17 14.70
C LEU A 89 12.41 -11.32 14.92
N TRP A 90 13.00 -12.41 14.44
CA TRP A 90 14.48 -12.62 14.42
C TRP A 90 15.19 -11.43 13.73
N LEU A 91 14.94 -11.18 12.44
CA LEU A 91 15.44 -9.97 11.70
C LEU A 91 15.20 -8.69 12.51
N SER A 92 14.05 -8.55 13.13
CA SER A 92 13.77 -7.37 13.97
C SER A 92 14.76 -7.27 15.15
N ASN A 93 15.04 -8.40 15.82
CA ASN A 93 16.03 -8.45 16.91
C ASN A 93 17.39 -7.97 16.39
N LEU A 94 17.87 -8.52 15.26
CA LEU A 94 19.18 -8.17 14.65
C LEU A 94 19.19 -6.70 14.27
N LEU A 95 18.13 -6.21 13.63
CA LEU A 95 18.11 -4.85 13.06
C LEU A 95 18.23 -3.84 14.20
N LEU A 96 17.42 -4.01 15.24
CA LEU A 96 17.39 -3.07 16.38
C LEU A 96 18.71 -3.13 17.15
N ARG A 97 19.32 -4.31 17.30
CA ARG A 97 20.56 -4.49 18.09
C ARG A 97 21.73 -3.85 17.34
N GLY A 98 21.57 -3.58 16.05
CA GLY A 98 22.55 -2.85 15.23
C GLY A 98 23.43 -3.78 14.42
N ASP A 99 23.21 -5.10 14.49
CA ASP A 99 23.88 -6.10 13.61
C ASP A 99 23.74 -5.68 12.13
N ASP A 100 24.80 -5.85 11.34
CA ASP A 100 24.76 -6.07 9.85
C ASP A 100 23.95 -7.34 9.59
N LEU A 101 22.98 -7.27 8.67
CA LEU A 101 22.00 -8.35 8.43
C LEU A 101 22.43 -9.30 7.30
N SER A 102 23.25 -8.88 6.34
CA SER A 102 23.62 -9.77 5.20
C SER A 102 24.28 -11.06 5.68
N PRO A 103 25.36 -11.04 6.49
CA PRO A 103 26.02 -12.29 6.89
C PRO A 103 25.08 -13.27 7.59
N PRO A 104 24.28 -12.88 8.62
CA PRO A 104 23.38 -13.82 9.28
C PRO A 104 22.24 -14.34 8.38
N ILE A 105 21.81 -13.53 7.42
CA ILE A 105 20.78 -13.98 6.44
C ILE A 105 21.42 -15.08 5.57
N LYS A 106 22.57 -14.80 4.98
CA LYS A 106 23.33 -15.79 4.15
C LYS A 106 23.60 -17.08 4.96
N ASP A 107 23.89 -16.97 6.26
CA ASP A 107 24.25 -18.13 7.10
C ASP A 107 22.98 -18.96 7.36
N LEU A 108 21.80 -18.34 7.55
CA LEU A 108 20.50 -19.06 7.67
C LEU A 108 20.21 -19.78 6.35
N ALA A 109 20.33 -19.14 5.20
CA ALA A 109 20.05 -19.82 3.91
C ALA A 109 20.99 -21.02 3.72
N ARG A 110 22.29 -20.88 4.04
CA ARG A 110 23.28 -21.98 3.95
C ARG A 110 22.88 -23.12 4.90
N THR A 111 22.44 -22.77 6.11
CA THR A 111 22.07 -23.70 7.20
C THR A 111 20.84 -24.51 6.79
N ALA A 112 19.87 -23.85 6.13
CA ALA A 112 18.60 -24.42 5.62
C ALA A 112 18.87 -25.51 4.57
N ALA A 113 19.91 -25.34 3.77
CA ALA A 113 20.21 -26.25 2.63
C ALA A 113 20.90 -27.54 3.12
N ARG A 114 21.38 -27.56 4.37
CA ARG A 114 22.38 -28.54 4.90
C ARG A 114 21.93 -29.09 6.28
N LEU A 115 20.65 -28.97 6.65
CA LEU A 115 20.19 -29.38 8.01
C LEU A 115 20.18 -30.90 8.13
N GLU A 116 20.43 -31.39 9.35
CA GLU A 116 20.41 -32.84 9.67
C GLU A 116 18.95 -33.33 9.71
N GLY A 117 18.02 -32.51 10.25
CA GLY A 117 16.57 -32.80 10.31
C GLY A 117 15.71 -31.76 9.57
N PRO A 118 14.39 -32.02 9.43
CA PRO A 118 13.46 -31.08 8.78
C PRO A 118 13.06 -29.81 9.53
N VAL A 119 12.80 -28.74 8.79
CA VAL A 119 12.47 -27.41 9.40
C VAL A 119 11.43 -26.68 8.55
N ILE A 120 10.47 -26.04 9.23
CA ILE A 120 9.48 -25.11 8.63
C ILE A 120 9.83 -23.70 9.09
N PHE A 121 10.13 -22.81 8.16
CA PHE A 121 10.28 -21.36 8.42
C PHE A 121 8.94 -20.64 8.18
N VAL A 122 8.47 -19.92 9.20
CA VAL A 122 7.30 -19.02 9.06
C VAL A 122 7.77 -17.56 8.93
N SER A 123 7.43 -16.85 7.84
CA SER A 123 7.88 -15.46 7.60
C SER A 123 6.78 -14.55 7.01
N ASN A 124 6.88 -13.25 7.24
CA ASN A 124 5.91 -12.24 6.76
C ASN A 124 6.39 -11.68 5.43
N GLU A 125 5.46 -11.42 4.52
CA GLU A 125 5.60 -10.45 3.41
C GLU A 125 5.32 -9.05 3.98
N VAL A 126 6.22 -8.08 3.76
CA VAL A 126 6.11 -6.69 4.26
C VAL A 126 6.42 -5.67 3.14
N GLY A 127 6.39 -6.07 1.88
CA GLY A 127 6.93 -5.26 0.79
C GLY A 127 5.88 -4.83 -0.20
N ALA A 128 4.60 -5.06 0.12
CA ALA A 128 3.46 -4.80 -0.78
C ALA A 128 2.69 -3.52 -0.39
N GLY A 129 3.25 -2.66 0.48
CA GLY A 129 2.66 -1.40 0.95
C GLY A 129 3.27 -0.21 0.22
N ILE A 130 2.93 1.00 0.66
CA ILE A 130 3.61 2.26 0.24
C ILE A 130 5.00 2.35 0.90
N VAL A 131 6.00 2.80 0.14
CA VAL A 131 7.36 3.06 0.68
C VAL A 131 7.23 3.75 2.04
N PRO A 132 7.72 3.14 3.13
CA PRO A 132 7.64 3.79 4.43
C PRO A 132 8.56 5.02 4.55
N ASP A 133 8.16 5.91 5.44
CA ASP A 133 8.63 7.32 5.49
C ASP A 133 9.84 7.44 6.43
N ASN A 134 10.39 6.31 6.93
CA ASN A 134 11.54 6.35 7.86
C ASN A 134 12.55 5.29 7.45
N ALA A 135 13.85 5.60 7.64
CA ALA A 135 15.02 4.74 7.31
C ALA A 135 14.94 3.37 8.02
N LEU A 136 14.39 3.31 9.23
CA LEU A 136 14.39 2.04 10.00
C LEU A 136 13.49 1.02 9.28
N ALA A 137 12.23 1.36 9.08
CA ALA A 137 11.23 0.58 8.31
C ALA A 137 11.70 0.28 6.87
N ARG A 138 12.38 1.20 6.16
CA ARG A 138 12.84 0.91 4.77
C ARG A 138 13.90 -0.18 4.83
N ALA A 139 14.80 -0.13 5.83
CA ALA A 139 15.90 -1.10 5.99
C ALA A 139 15.28 -2.46 6.30
N PHE A 140 14.28 -2.52 7.17
CA PHE A 140 13.59 -3.79 7.51
C PHE A 140 12.95 -4.41 6.25
N ARG A 141 12.34 -3.57 5.43
CA ARG A 141 11.63 -3.94 4.18
C ARG A 141 12.64 -4.53 3.21
N ASP A 142 13.78 -3.88 3.01
CA ASP A 142 14.89 -4.42 2.17
C ASP A 142 15.35 -5.77 2.75
N ALA A 143 15.61 -5.87 4.05
CA ALA A 143 16.25 -7.06 4.67
C ALA A 143 15.29 -8.26 4.70
N GLN A 144 14.01 -8.05 5.03
CA GLN A 144 12.96 -9.12 5.01
C GLN A 144 12.71 -9.62 3.59
N GLY A 145 12.81 -8.77 2.57
CA GLY A 145 12.73 -9.20 1.16
C GLY A 145 13.91 -10.07 0.76
N MET A 146 15.16 -9.67 1.05
CA MET A 146 16.37 -10.50 0.75
C MET A 146 16.24 -11.84 1.47
N CYS A 147 15.85 -11.81 2.74
CA CYS A 147 15.81 -13.01 3.60
C CYS A 147 14.80 -14.00 3.04
N ASN A 148 13.59 -13.52 2.70
CA ASN A 148 12.55 -14.37 2.06
C ASN A 148 13.04 -14.90 0.72
N GLN A 149 13.84 -14.15 -0.02
CA GLN A 149 14.40 -14.66 -1.33
C GLN A 149 15.44 -15.76 -1.09
N ARG A 150 16.33 -15.60 -0.11
CA ARG A 150 17.46 -16.54 0.06
C ARG A 150 16.97 -17.84 0.69
N LEU A 151 16.01 -17.78 1.62
CA LEU A 151 15.34 -18.96 2.22
C LEU A 151 14.58 -19.70 1.13
N ALA A 152 13.84 -18.97 0.29
CA ALA A 152 13.00 -19.57 -0.76
C ALA A 152 13.87 -20.34 -1.76
N GLU A 153 15.03 -19.81 -2.14
CA GLU A 153 16.02 -20.50 -3.01
C GLU A 153 16.56 -21.73 -2.29
N ALA A 154 16.91 -21.58 -0.99
CA ALA A 154 17.56 -22.64 -0.20
C ALA A 154 16.59 -23.82 0.03
N CYS A 155 15.37 -23.50 0.47
CA CYS A 155 14.32 -24.47 0.88
C CYS A 155 13.81 -25.29 -0.31
N ASP A 156 13.38 -26.51 -0.01
CA ASP A 156 12.84 -27.50 -0.98
C ASP A 156 11.49 -27.03 -1.52
N ALA A 157 10.62 -26.60 -0.61
CA ALA A 157 9.23 -26.19 -0.92
C ALA A 157 9.00 -24.77 -0.38
N VAL A 158 8.18 -23.99 -1.10
CA VAL A 158 7.71 -22.65 -0.63
C VAL A 158 6.21 -22.61 -0.81
N THR A 159 5.50 -22.20 0.23
CA THR A 159 4.03 -22.01 0.16
C THR A 159 3.68 -20.54 0.50
N LEU A 160 2.75 -19.95 -0.23
CA LEU A 160 2.20 -18.59 0.02
C LEU A 160 0.79 -18.76 0.60
N VAL A 161 0.50 -18.11 1.74
CA VAL A 161 -0.81 -18.26 2.45
C VAL A 161 -1.58 -16.92 2.39
N THR A 162 -2.81 -16.95 1.85
CA THR A 162 -3.77 -15.83 1.81
C THR A 162 -5.11 -16.28 2.43
N ALA A 163 -5.67 -15.46 3.31
CA ALA A 163 -7.02 -15.63 3.88
C ALA A 163 -7.19 -17.07 4.39
N GLY A 164 -6.14 -17.61 4.98
CA GLY A 164 -6.14 -18.94 5.64
C GLY A 164 -5.88 -20.09 4.68
N ILE A 165 -5.52 -19.80 3.43
CA ILE A 165 -5.41 -20.79 2.34
C ILE A 165 -4.00 -20.77 1.75
N ALA A 166 -3.39 -21.95 1.62
CA ALA A 166 -2.01 -22.14 1.14
C ALA A 166 -2.02 -22.44 -0.35
N THR A 167 -1.03 -21.88 -1.04
CA THR A 167 -0.71 -22.20 -2.44
C THR A 167 0.79 -22.51 -2.51
N GLN A 168 1.13 -23.70 -3.00
CA GLN A 168 2.53 -24.08 -3.30
C GLN A 168 3.00 -23.20 -4.44
N ILE A 169 4.22 -22.67 -4.35
CA ILE A 169 4.89 -21.95 -5.46
C ILE A 169 6.26 -22.60 -5.71
N LYS A 170 6.72 -23.49 -4.81
CA LYS A 170 7.91 -24.37 -5.03
C LYS A 170 7.72 -25.69 -4.29
N PRO A 171 8.15 -26.84 -4.87
CA PRO A 171 8.64 -26.92 -6.24
C PRO A 171 7.54 -26.76 -7.30
N GLY A 172 7.94 -26.63 -8.56
CA GLY A 172 7.07 -26.19 -9.66
C GLY A 172 7.94 -25.48 -10.70
N PRO A 173 7.87 -25.87 -11.99
CA PRO A 173 8.61 -25.16 -13.04
C PRO A 173 8.23 -23.67 -13.05
N GLU A 174 9.22 -22.79 -13.11
CA GLU A 174 8.98 -21.33 -13.21
C GLU A 174 8.74 -20.97 -14.67
N PRO A 175 7.88 -19.96 -14.94
CA PRO A 175 7.69 -19.43 -16.29
C PRO A 175 8.97 -19.22 -17.09
N VAL A 176 8.82 -19.33 -18.41
CA VAL A 176 9.85 -19.11 -19.46
C VAL A 176 9.12 -18.45 -20.64
N PHE A 177 9.79 -17.59 -21.40
CA PHE A 177 9.14 -16.80 -22.48
C PHE A 177 10.09 -16.64 -23.68
N ARG A 178 9.53 -16.66 -24.90
CA ARG A 178 10.26 -16.56 -26.19
C ARG A 178 10.41 -15.09 -26.60
N ASP B 1 3.67 -20.11 -27.58
CA ASP B 1 3.40 -18.93 -28.46
C ASP B 1 4.38 -17.81 -28.11
N PRO B 2 5.19 -17.30 -29.07
CA PRO B 2 6.20 -16.29 -28.77
C PRO B 2 5.49 -14.97 -28.42
N ILE B 3 5.95 -14.23 -27.41
CA ILE B 3 5.15 -13.10 -26.86
C ILE B 3 5.80 -11.77 -27.22
N LYS B 4 5.00 -10.71 -27.26
CA LYS B 4 5.41 -9.31 -27.58
C LYS B 4 5.93 -8.61 -26.32
N SER B 5 5.21 -8.76 -25.21
CA SER B 5 5.24 -7.84 -24.04
C SER B 5 4.97 -8.62 -22.75
N LEU B 6 5.86 -8.51 -21.76
CA LEU B 6 5.67 -9.14 -20.40
C LEU B 6 5.57 -8.07 -19.31
N LEU B 7 4.55 -8.15 -18.44
CA LEU B 7 4.47 -7.37 -17.17
C LEU B 7 5.01 -8.20 -16.02
N VAL B 8 5.98 -7.70 -15.27
CA VAL B 8 6.52 -8.33 -14.03
C VAL B 8 6.13 -7.50 -12.81
N VAL B 9 5.22 -8.03 -11.99
CA VAL B 9 4.72 -7.38 -10.73
C VAL B 9 5.24 -8.13 -9.49
N GLY B 10 5.48 -7.39 -8.41
CA GLY B 10 5.79 -7.88 -7.07
C GLY B 10 6.18 -6.76 -6.10
N GLY B 11 6.33 -7.10 -4.82
CA GLY B 11 6.57 -6.16 -3.71
C GLY B 11 7.98 -5.64 -3.70
N ALA B 12 8.32 -4.86 -2.68
CA ALA B 12 9.67 -4.32 -2.50
C ALA B 12 10.64 -5.45 -2.15
N ARG B 13 11.72 -5.59 -2.95
CA ARG B 13 12.81 -6.56 -2.74
C ARG B 13 12.24 -7.97 -2.81
N SER B 14 11.60 -8.31 -3.94
CA SER B 14 10.95 -9.61 -4.22
C SER B 14 11.69 -10.42 -5.30
N GLY B 15 12.63 -9.84 -6.03
CA GLY B 15 13.32 -10.53 -7.12
C GLY B 15 12.71 -10.21 -8.48
N LYS B 16 11.95 -9.12 -8.58
CA LYS B 16 11.36 -8.67 -9.86
C LYS B 16 12.47 -8.45 -10.90
N SER B 17 13.45 -7.62 -10.56
CA SER B 17 14.58 -7.23 -11.46
C SER B 17 15.36 -8.45 -11.93
N ARG B 18 15.83 -9.30 -11.01
CA ARG B 18 16.65 -10.50 -11.33
C ARG B 18 15.83 -11.36 -12.28
N PHE B 19 14.53 -11.56 -12.01
CA PHE B 19 13.65 -12.39 -12.87
C PHE B 19 13.57 -11.79 -14.26
N ALA B 20 13.26 -10.50 -14.34
CA ALA B 20 13.18 -9.75 -15.60
C ALA B 20 14.50 -9.93 -16.36
N GLN B 21 15.64 -9.71 -15.68
CA GLN B 21 16.99 -9.80 -16.31
C GLN B 21 17.24 -11.22 -16.86
N ARG B 22 16.86 -12.27 -16.10
CA ARG B 22 17.10 -13.68 -16.49
C ARG B 22 16.41 -13.92 -17.84
N MET B 23 15.12 -13.56 -17.96
CA MET B 23 14.30 -13.80 -19.18
C MET B 23 14.89 -13.00 -20.35
N ALA B 24 15.17 -11.71 -20.14
CA ALA B 24 15.82 -10.80 -21.10
C ALA B 24 17.10 -11.42 -21.68
N GLU B 25 17.93 -12.01 -20.82
CA GLU B 25 19.30 -12.49 -21.18
C GLU B 25 19.23 -13.86 -21.84
N ALA B 26 18.09 -14.56 -21.70
CA ALA B 26 17.81 -15.89 -22.29
C ALA B 26 17.20 -15.73 -23.69
N SER B 27 16.92 -14.50 -24.13
CA SER B 27 16.16 -14.18 -25.36
C SER B 27 17.12 -13.92 -26.53
N GLY B 28 18.39 -13.60 -26.24
CA GLY B 28 19.44 -13.39 -27.25
C GLY B 28 19.09 -12.30 -28.27
N ARG B 29 18.19 -11.38 -27.97
CA ARG B 29 18.01 -10.12 -28.74
C ARG B 29 18.88 -9.06 -28.06
N SER B 30 18.99 -7.86 -28.62
CA SER B 30 19.86 -6.77 -28.09
C SER B 30 19.20 -6.15 -26.84
N LEU B 31 19.97 -5.90 -25.76
CA LEU B 31 19.41 -5.59 -24.41
C LEU B 31 19.51 -4.09 -24.07
N VAL B 32 18.36 -3.43 -23.95
CA VAL B 32 18.28 -1.99 -23.52
C VAL B 32 17.52 -1.90 -22.20
N LEU B 33 18.17 -1.41 -21.15
CA LEU B 33 17.49 -1.07 -19.87
C LEU B 33 17.01 0.38 -19.98
N ILE B 34 15.68 0.57 -19.96
CA ILE B 34 14.98 1.89 -20.00
C ILE B 34 14.89 2.38 -18.54
N ALA B 35 15.95 3.04 -18.04
CA ALA B 35 16.02 3.57 -16.65
C ALA B 35 15.04 4.73 -16.50
N THR B 36 14.35 4.83 -15.35
CA THR B 36 13.33 5.86 -15.05
C THR B 36 13.69 6.60 -13.73
N ALA B 37 14.88 6.35 -13.22
CA ALA B 37 15.26 6.53 -11.79
C ALA B 37 16.46 7.46 -11.65
N GLN B 38 16.30 8.55 -10.90
CA GLN B 38 17.40 9.50 -10.57
C GLN B 38 17.85 9.20 -9.14
N PRO B 39 19.06 8.65 -8.92
CA PRO B 39 19.50 8.38 -7.56
C PRO B 39 19.74 9.72 -6.84
N LEU B 40 18.72 10.25 -6.17
CA LEU B 40 18.86 11.57 -5.49
C LEU B 40 19.02 11.36 -3.98
N ASP B 41 19.37 10.15 -3.54
CA ASP B 41 19.84 9.90 -2.15
C ASP B 41 20.79 8.71 -2.13
N ALA B 42 21.49 8.53 -1.01
CA ALA B 42 22.51 7.47 -0.76
C ALA B 42 21.90 6.08 -0.99
N GLU B 43 20.80 5.76 -0.32
CA GLU B 43 20.08 4.47 -0.46
C GLU B 43 19.85 4.18 -1.95
N MET B 44 19.25 5.13 -2.67
CA MET B 44 18.83 4.99 -4.10
C MET B 44 20.05 4.75 -5.00
N ALA B 45 21.20 5.36 -4.66
CA ALA B 45 22.45 5.33 -5.45
C ALA B 45 23.10 3.97 -5.30
N ASP B 46 23.07 3.43 -4.08
CA ASP B 46 23.62 2.10 -3.77
C ASP B 46 22.76 1.04 -4.47
N ARG B 47 21.42 1.19 -4.45
CA ARG B 47 20.47 0.26 -5.13
C ARG B 47 20.90 0.11 -6.60
N ILE B 48 21.14 1.21 -7.33
CA ILE B 48 21.38 1.23 -8.80
C ILE B 48 22.87 0.98 -9.11
N SER B 49 23.75 1.00 -8.11
CA SER B 49 25.20 0.64 -8.29
C SER B 49 25.37 -0.88 -8.08
N ARG B 50 24.58 -1.49 -7.20
CA ARG B 50 24.54 -2.97 -7.01
C ARG B 50 23.84 -3.64 -8.20
N HIS B 51 22.95 -2.94 -8.91
CA HIS B 51 22.27 -3.42 -10.16
C HIS B 51 23.28 -3.43 -11.31
N ALA B 52 24.01 -2.33 -11.50
CA ALA B 52 24.86 -2.02 -12.68
C ALA B 52 26.16 -2.84 -12.68
N ALA B 53 26.60 -3.35 -11.53
CA ALA B 53 27.79 -4.23 -11.39
C ALA B 53 27.37 -5.70 -11.59
N ASP B 54 26.07 -5.99 -11.65
CA ASP B 54 25.52 -7.35 -11.88
C ASP B 54 24.99 -7.48 -13.32
N ARG B 55 25.54 -6.71 -14.27
CA ARG B 55 25.11 -6.72 -15.70
C ARG B 55 26.34 -6.69 -16.61
N ASP B 56 26.71 -7.84 -17.20
CA ASP B 56 27.68 -7.96 -18.33
C ASP B 56 27.48 -6.76 -19.26
N ALA B 57 28.52 -6.36 -20.00
CA ALA B 57 28.51 -5.14 -20.84
C ALA B 57 27.59 -5.32 -22.05
N ARG B 58 26.82 -6.42 -22.11
CA ARG B 58 25.78 -6.75 -23.13
C ARG B 58 24.58 -5.79 -23.04
N TRP B 59 24.46 -5.02 -21.94
CA TRP B 59 23.32 -4.11 -21.63
C TRP B 59 23.70 -2.67 -21.94
N THR B 60 22.85 -1.96 -22.69
CA THR B 60 22.93 -0.49 -22.91
C THR B 60 21.81 0.20 -22.11
N LEU B 61 22.15 1.29 -21.41
CA LEU B 61 21.22 2.14 -20.64
C LEU B 61 20.55 3.17 -21.56
N ILE B 62 19.32 3.57 -21.23
CA ILE B 62 18.61 4.76 -21.80
C ILE B 62 17.70 5.35 -20.71
N GLU B 63 17.84 6.65 -20.44
CA GLU B 63 17.02 7.41 -19.46
C GLU B 63 15.68 7.81 -20.08
N ALA B 64 14.58 7.56 -19.36
CA ALA B 64 13.22 8.05 -19.65
C ALA B 64 12.52 8.35 -18.32
N PHE B 65 12.82 9.50 -17.74
CA PHE B 65 12.28 9.92 -16.42
C PHE B 65 10.82 10.33 -16.58
N PHE B 66 10.44 10.90 -17.71
CA PHE B 66 9.09 11.51 -17.89
C PHE B 66 8.40 10.99 -19.16
N ASP B 67 9.09 10.97 -20.30
CA ASP B 67 8.45 10.74 -21.63
C ASP B 67 8.72 9.29 -22.02
N LEU B 68 8.07 8.35 -21.33
CA LEU B 68 8.39 6.89 -21.36
C LEU B 68 7.64 6.19 -22.51
N GLY B 69 6.41 6.61 -22.82
CA GLY B 69 5.65 6.09 -23.98
C GLY B 69 6.39 6.39 -25.27
N GLN B 70 6.61 7.68 -25.52
CA GLN B 70 7.45 8.23 -26.62
C GLN B 70 8.76 7.43 -26.72
N THR B 71 9.55 7.35 -25.65
CA THR B 71 10.88 6.66 -25.66
C THR B 71 10.73 5.20 -26.11
N LEU B 72 9.64 4.52 -25.72
CA LEU B 72 9.38 3.09 -26.10
C LEU B 72 9.03 2.97 -27.59
N ARG B 73 8.29 3.91 -28.18
CA ARG B 73 7.91 3.87 -29.62
C ARG B 73 9.15 4.13 -30.47
N ARG B 74 10.12 4.86 -29.94
CA ARG B 74 11.31 5.34 -30.69
C ARG B 74 12.48 4.37 -30.60
N GLU B 75 12.51 3.45 -29.62
CA GLU B 75 13.69 2.58 -29.35
C GLU B 75 13.36 1.10 -29.57
N ALA B 76 12.09 0.76 -29.72
CA ALA B 76 11.62 -0.65 -29.82
C ALA B 76 11.67 -1.10 -31.29
N GLN B 77 12.25 -2.28 -31.51
CA GLN B 77 12.39 -2.94 -32.84
C GLN B 77 12.64 -4.43 -32.58
N PRO B 78 12.23 -5.37 -33.46
CA PRO B 78 12.36 -6.80 -33.14
C PRO B 78 13.82 -7.18 -32.81
N GLU B 79 14.79 -6.41 -33.32
CA GLU B 79 16.25 -6.55 -33.04
C GLU B 79 16.55 -6.31 -31.55
N ARG B 80 15.56 -5.81 -30.80
CA ARG B 80 15.74 -5.32 -29.40
C ARG B 80 14.64 -5.82 -28.48
N LEU B 81 15.06 -6.31 -27.30
CA LEU B 81 14.24 -6.41 -26.07
C LEU B 81 14.48 -5.15 -25.22
N LEU B 82 13.40 -4.46 -24.83
CA LEU B 82 13.45 -3.27 -23.93
C LEU B 82 12.96 -3.66 -22.51
N VAL B 83 13.65 -3.20 -21.45
CA VAL B 83 13.22 -3.43 -20.03
C VAL B 83 13.16 -2.10 -19.29
N VAL B 84 11.96 -1.64 -18.95
CA VAL B 84 11.78 -0.40 -18.13
C VAL B 84 12.04 -0.80 -16.68
N ASP B 85 13.14 -0.26 -16.14
CA ASP B 85 13.62 -0.24 -14.74
C ASP B 85 12.44 -0.34 -13.75
N SER B 86 11.61 0.70 -13.69
CA SER B 86 10.47 0.83 -12.74
C SER B 86 9.35 1.67 -13.33
N VAL B 87 8.24 1.03 -13.69
CA VAL B 87 7.00 1.77 -13.98
C VAL B 87 6.71 2.66 -12.77
N THR B 88 6.94 2.15 -11.56
CA THR B 88 6.60 2.82 -10.28
C THR B 88 7.31 4.17 -10.17
N LEU B 89 8.60 4.23 -10.47
CA LEU B 89 9.37 5.49 -10.39
C LEU B 89 8.86 6.47 -11.47
N TRP B 90 8.52 5.99 -12.67
CA TRP B 90 7.96 6.83 -13.76
C TRP B 90 6.68 7.48 -13.26
N LEU B 91 5.72 6.68 -12.80
CA LEU B 91 4.48 7.19 -12.15
C LEU B 91 4.81 8.24 -11.10
N SER B 92 5.84 7.99 -10.30
CA SER B 92 6.17 8.87 -9.15
C SER B 92 6.64 10.24 -9.66
N ASN B 93 7.49 10.22 -10.68
CA ASN B 93 8.04 11.42 -11.35
C ASN B 93 6.84 12.25 -11.82
N LEU B 94 5.85 11.64 -12.45
CA LEU B 94 4.66 12.37 -12.99
C LEU B 94 3.85 12.93 -11.84
N LEU B 95 3.61 12.12 -10.81
CA LEU B 95 2.75 12.55 -9.69
C LEU B 95 3.35 13.79 -9.04
N LEU B 96 4.67 13.77 -8.81
CA LEU B 96 5.38 14.84 -8.08
C LEU B 96 5.38 16.14 -8.92
N ARG B 97 5.38 16.01 -10.25
CA ARG B 97 5.45 17.15 -11.20
C ARG B 97 4.09 17.89 -11.22
N GLY B 98 3.02 17.19 -10.88
CA GLY B 98 1.65 17.73 -10.85
C GLY B 98 0.85 17.30 -12.08
N ASP B 99 1.48 16.59 -13.03
CA ASP B 99 0.75 15.95 -14.15
C ASP B 99 -0.48 15.21 -13.62
N ASP B 100 -1.57 15.21 -14.40
CA ASP B 100 -2.77 14.34 -14.27
C ASP B 100 -2.39 12.99 -14.90
N LEU B 101 -2.60 11.87 -14.18
CA LEU B 101 -1.95 10.57 -14.50
C LEU B 101 -2.74 9.78 -15.55
N SER B 102 -4.06 9.91 -15.61
CA SER B 102 -4.95 9.09 -16.47
C SER B 102 -4.43 9.07 -17.91
N PRO B 103 -4.34 10.22 -18.63
CA PRO B 103 -3.79 10.20 -19.99
C PRO B 103 -2.45 9.45 -20.13
N PRO B 104 -1.37 9.85 -19.43
CA PRO B 104 -0.09 9.14 -19.59
C PRO B 104 -0.14 7.62 -19.32
N ILE B 105 -1.04 7.13 -18.48
CA ILE B 105 -1.19 5.67 -18.20
C ILE B 105 -1.86 4.99 -19.40
N LYS B 106 -2.99 5.56 -19.85
CA LYS B 106 -3.78 5.02 -20.98
C LYS B 106 -2.89 5.04 -22.21
N ASP B 107 -2.10 6.11 -22.38
CA ASP B 107 -1.12 6.21 -23.48
C ASP B 107 -0.18 5.01 -23.43
N LEU B 108 0.31 4.66 -22.24
CA LEU B 108 1.34 3.59 -22.06
C LEU B 108 0.70 2.24 -22.35
N ALA B 109 -0.49 1.96 -21.84
CA ALA B 109 -1.26 0.74 -22.18
C ALA B 109 -1.35 0.60 -23.70
N ARG B 110 -1.84 1.64 -24.38
CA ARG B 110 -1.96 1.69 -25.87
C ARG B 110 -0.66 1.23 -26.53
N THR B 111 0.44 1.91 -26.19
CA THR B 111 1.79 1.71 -26.77
C THR B 111 2.27 0.26 -26.60
N ALA B 112 2.06 -0.34 -25.42
CA ALA B 112 2.46 -1.73 -25.08
C ALA B 112 1.75 -2.75 -25.98
N ALA B 113 0.55 -2.43 -26.44
CA ALA B 113 -0.30 -3.33 -27.24
C ALA B 113 0.12 -3.25 -28.73
N ARG B 114 0.99 -2.32 -29.11
CA ARG B 114 1.29 -1.95 -30.52
C ARG B 114 2.77 -1.62 -30.69
N LEU B 115 3.65 -2.47 -30.20
CA LEU B 115 5.11 -2.20 -30.21
C LEU B 115 5.73 -2.79 -31.46
N GLU B 116 6.84 -2.20 -31.92
CA GLU B 116 7.65 -2.70 -33.06
C GLU B 116 8.51 -3.88 -32.59
N GLY B 117 8.78 -4.00 -31.28
CA GLY B 117 9.68 -5.02 -30.69
C GLY B 117 9.25 -5.48 -29.30
N PRO B 118 9.86 -6.53 -28.73
CA PRO B 118 9.57 -6.93 -27.35
C PRO B 118 10.02 -5.96 -26.24
N VAL B 119 9.19 -5.84 -25.19
CA VAL B 119 9.40 -4.99 -23.98
C VAL B 119 8.98 -5.74 -22.71
N ILE B 120 9.74 -5.60 -21.64
CA ILE B 120 9.34 -6.05 -20.27
C ILE B 120 9.16 -4.81 -19.38
N PHE B 121 7.97 -4.66 -18.80
CA PHE B 121 7.68 -3.66 -17.74
C PHE B 121 7.85 -4.33 -16.39
N VAL B 122 8.68 -3.73 -15.53
CA VAL B 122 8.88 -4.13 -14.11
C VAL B 122 8.19 -3.08 -13.26
N SER B 123 7.27 -3.52 -12.40
CA SER B 123 6.30 -2.65 -11.69
C SER B 123 6.05 -3.16 -10.27
N ASN B 124 5.91 -2.25 -9.29
CA ASN B 124 5.65 -2.63 -7.88
C ASN B 124 4.15 -2.84 -7.65
N GLU B 125 3.83 -3.72 -6.70
CA GLU B 125 2.51 -3.78 -6.02
C GLU B 125 2.62 -2.91 -4.76
N VAL B 126 1.65 -2.02 -4.52
CA VAL B 126 1.61 -1.10 -3.36
C VAL B 126 0.21 -1.03 -2.75
N GLY B 127 -0.66 -2.00 -3.01
CA GLY B 127 -2.09 -1.87 -2.67
C GLY B 127 -2.48 -2.64 -1.44
N ALA B 128 -1.52 -3.34 -0.80
CA ALA B 128 -1.84 -4.42 0.17
C ALA B 128 -1.51 -4.03 1.61
N GLY B 129 -1.27 -2.75 1.83
CA GLY B 129 -1.02 -2.20 3.18
C GLY B 129 -2.28 -1.57 3.74
N ILE B 130 -2.16 -0.77 4.79
CA ILE B 130 -3.26 0.04 5.38
C ILE B 130 -3.38 1.32 4.54
N VAL B 131 -4.55 1.96 4.52
CA VAL B 131 -4.69 3.25 3.80
C VAL B 131 -3.64 4.24 4.30
N PRO B 132 -2.91 4.90 3.38
CA PRO B 132 -2.01 5.98 3.75
C PRO B 132 -2.60 7.19 4.48
N ASP B 133 -1.82 7.71 5.41
CA ASP B 133 -2.01 8.90 6.28
C ASP B 133 -2.25 10.19 5.49
N ASN B 134 -1.87 10.24 4.20
CA ASN B 134 -1.77 11.50 3.42
C ASN B 134 -2.19 11.29 1.97
N ALA B 135 -2.76 12.35 1.37
CA ALA B 135 -3.40 12.37 0.03
C ALA B 135 -2.41 11.97 -1.07
N LEU B 136 -1.18 12.50 -1.03
CA LEU B 136 -0.09 12.19 -1.99
C LEU B 136 0.04 10.67 -2.13
N ALA B 137 0.22 9.95 -1.03
CA ALA B 137 0.40 8.49 -1.02
C ALA B 137 -0.89 7.78 -1.47
N ARG B 138 -2.07 8.25 -1.04
CA ARG B 138 -3.36 7.65 -1.49
C ARG B 138 -3.46 7.81 -3.00
N ALA B 139 -3.21 9.00 -3.51
CA ALA B 139 -3.30 9.30 -4.96
C ALA B 139 -2.39 8.31 -5.71
N PHE B 140 -1.18 8.07 -5.20
CA PHE B 140 -0.19 7.14 -5.80
C PHE B 140 -0.66 5.69 -5.75
N ARG B 141 -1.30 5.29 -4.67
CA ARG B 141 -1.78 3.90 -4.49
C ARG B 141 -2.79 3.60 -5.61
N ASP B 142 -3.70 4.54 -5.88
CA ASP B 142 -4.81 4.36 -6.87
C ASP B 142 -4.24 4.37 -8.30
N ALA B 143 -3.26 5.22 -8.59
CA ALA B 143 -2.60 5.35 -9.92
C ALA B 143 -1.75 4.11 -10.23
N GLN B 144 -0.96 3.64 -9.28
CA GLN B 144 -0.14 2.41 -9.45
C GLN B 144 -1.07 1.22 -9.64
N GLY B 145 -2.19 1.18 -8.91
CA GLY B 145 -3.21 0.12 -9.07
C GLY B 145 -3.80 0.16 -10.48
N MET B 146 -4.30 1.33 -10.91
CA MET B 146 -4.94 1.50 -12.24
C MET B 146 -3.90 1.13 -13.30
N CYS B 147 -2.64 1.52 -13.11
CA CYS B 147 -1.59 1.35 -14.13
C CYS B 147 -1.27 -0.15 -14.31
N ASN B 148 -1.09 -0.89 -13.22
CA ASN B 148 -0.82 -2.35 -13.29
C ASN B 148 -1.99 -3.06 -14.01
N GLN B 149 -3.24 -2.67 -13.78
CA GLN B 149 -4.43 -3.30 -14.42
C GLN B 149 -4.36 -3.15 -15.93
N ARG B 150 -4.18 -1.92 -16.39
CA ARG B 150 -4.19 -1.54 -17.82
C ARG B 150 -3.00 -2.19 -18.51
N LEU B 151 -1.84 -2.25 -17.86
CA LEU B 151 -0.62 -2.88 -18.43
C LEU B 151 -0.78 -4.41 -18.45
N ALA B 152 -1.58 -4.98 -17.56
CA ALA B 152 -1.83 -6.44 -17.50
C ALA B 152 -2.74 -6.84 -18.66
N GLU B 153 -3.77 -6.04 -18.92
CA GLU B 153 -4.73 -6.15 -20.06
C GLU B 153 -3.91 -6.14 -21.36
N ALA B 154 -3.07 -5.12 -21.51
CA ALA B 154 -2.36 -4.77 -22.77
C ALA B 154 -1.21 -5.75 -23.06
N CYS B 155 -0.59 -6.34 -22.04
CA CYS B 155 0.57 -7.26 -22.17
C CYS B 155 0.05 -8.68 -22.45
N ASP B 156 0.82 -9.44 -23.24
CA ASP B 156 0.52 -10.83 -23.64
C ASP B 156 0.74 -11.76 -22.43
N ALA B 157 1.80 -11.53 -21.64
CA ALA B 157 2.13 -12.34 -20.44
C ALA B 157 2.21 -11.48 -19.19
N VAL B 158 1.69 -11.99 -18.07
CA VAL B 158 1.85 -11.37 -16.72
C VAL B 158 2.42 -12.40 -15.75
N THR B 159 3.53 -12.04 -15.09
CA THR B 159 4.12 -12.83 -13.99
C THR B 159 4.02 -12.05 -12.69
N LEU B 160 3.96 -12.78 -11.59
CA LEU B 160 3.80 -12.26 -10.21
C LEU B 160 4.95 -12.86 -9.42
N VAL B 161 5.87 -12.04 -8.90
CA VAL B 161 7.10 -12.59 -8.26
C VAL B 161 7.01 -12.45 -6.73
N THR B 162 6.97 -13.57 -6.02
CA THR B 162 7.02 -13.65 -4.53
C THR B 162 8.28 -14.39 -4.08
N ALA B 163 8.93 -13.83 -3.06
CA ALA B 163 10.18 -14.33 -2.48
C ALA B 163 11.06 -14.93 -3.59
N GLY B 164 11.26 -14.18 -4.65
CA GLY B 164 12.20 -14.51 -5.74
C GLY B 164 11.65 -15.55 -6.70
N ILE B 165 10.36 -15.87 -6.62
CA ILE B 165 9.77 -16.98 -7.41
C ILE B 165 8.58 -16.46 -8.25
N ALA B 166 8.72 -16.65 -9.57
CA ALA B 166 7.78 -16.14 -10.58
C ALA B 166 6.64 -17.15 -10.72
N THR B 167 5.41 -16.67 -10.62
CA THR B 167 4.19 -17.39 -11.08
C THR B 167 3.64 -16.64 -12.29
N GLN B 168 3.36 -17.38 -13.37
CA GLN B 168 2.65 -16.87 -14.57
C GLN B 168 1.17 -16.77 -14.20
N ILE B 169 0.54 -15.58 -14.35
CA ILE B 169 -0.94 -15.44 -14.17
C ILE B 169 -1.61 -15.12 -15.51
N LYS B 170 -0.86 -14.77 -16.57
CA LYS B 170 -1.41 -14.61 -17.95
C LYS B 170 -0.32 -14.98 -18.97
N PRO B 171 -0.65 -15.71 -20.07
CA PRO B 171 -2.01 -16.23 -20.34
C PRO B 171 -2.44 -17.37 -19.41
N GLY B 172 -3.75 -17.65 -19.40
CA GLY B 172 -4.38 -18.63 -18.50
C GLY B 172 -5.86 -18.34 -18.34
N PRO B 173 -6.71 -19.37 -18.18
CA PRO B 173 -8.16 -19.16 -18.19
C PRO B 173 -8.60 -18.52 -16.88
N GLU B 174 -9.02 -17.26 -16.94
CA GLU B 174 -9.68 -16.57 -15.80
C GLU B 174 -10.74 -17.53 -15.29
N PRO B 175 -10.83 -17.77 -13.97
CA PRO B 175 -11.88 -18.63 -13.43
C PRO B 175 -13.23 -17.98 -13.74
N VAL B 176 -14.22 -18.78 -14.09
CA VAL B 176 -15.65 -18.35 -14.11
C VAL B 176 -16.41 -19.25 -13.14
N PHE B 177 -17.16 -18.65 -12.24
CA PHE B 177 -18.13 -19.31 -11.33
C PHE B 177 -19.51 -19.21 -12.00
N ARG B 178 -20.40 -20.17 -11.72
CA ARG B 178 -21.84 -20.01 -12.00
C ARG B 178 -22.63 -20.35 -10.72
N PHE B 179 -23.70 -19.58 -10.49
CA PHE B 179 -24.53 -19.61 -9.27
C PHE B 179 -25.90 -20.25 -9.57
N ASP C 1 -22.27 -28.06 -10.04
CA ASP C 1 -21.72 -27.27 -8.90
C ASP C 1 -22.04 -25.79 -9.09
N PRO C 2 -23.32 -25.37 -9.02
CA PRO C 2 -23.63 -23.97 -8.68
C PRO C 2 -23.09 -23.72 -7.26
N ILE C 3 -22.27 -22.67 -7.10
CA ILE C 3 -21.77 -22.18 -5.78
C ILE C 3 -22.86 -21.27 -5.19
N LYS C 4 -22.86 -21.07 -3.87
CA LYS C 4 -23.85 -20.22 -3.15
C LYS C 4 -23.16 -19.02 -2.48
N SER C 5 -21.82 -18.96 -2.52
CA SER C 5 -20.99 -17.91 -1.87
C SER C 5 -19.61 -17.90 -2.50
N LEU C 6 -19.10 -16.70 -2.80
CA LEU C 6 -17.77 -16.42 -3.39
C LEU C 6 -17.18 -15.23 -2.64
N LEU C 7 -15.92 -15.36 -2.19
CA LEU C 7 -15.13 -14.25 -1.57
C LEU C 7 -14.07 -13.82 -2.59
N VAL C 8 -14.06 -12.50 -2.86
CA VAL C 8 -13.07 -11.88 -3.78
C VAL C 8 -12.18 -10.98 -2.92
N VAL C 9 -10.91 -11.33 -2.76
CA VAL C 9 -9.88 -10.50 -2.05
C VAL C 9 -8.96 -9.86 -3.09
N GLY C 10 -8.54 -8.62 -2.82
CA GLY C 10 -7.37 -8.00 -3.50
C GLY C 10 -6.95 -6.70 -2.83
N GLY C 11 -5.81 -6.17 -3.24
CA GLY C 11 -5.30 -4.88 -2.75
C GLY C 11 -6.19 -3.75 -3.19
N ALA C 12 -5.74 -2.53 -2.96
CA ALA C 12 -6.43 -1.29 -3.35
C ALA C 12 -6.31 -1.14 -4.87
N ARG C 13 -7.36 -0.71 -5.55
CA ARG C 13 -7.44 -0.63 -7.03
C ARG C 13 -6.77 -1.85 -7.62
N SER C 14 -7.29 -3.02 -7.29
CA SER C 14 -6.80 -4.36 -7.75
C SER C 14 -7.62 -4.89 -8.93
N GLY C 15 -8.86 -4.43 -9.14
CA GLY C 15 -9.76 -4.93 -10.19
C GLY C 15 -10.85 -5.83 -9.62
N LYS C 16 -10.96 -5.91 -8.29
CA LYS C 16 -11.77 -6.96 -7.63
C LYS C 16 -13.25 -6.62 -7.75
N SER C 17 -13.60 -5.34 -7.71
CA SER C 17 -14.99 -4.86 -7.94
C SER C 17 -15.41 -5.17 -9.36
N ARG C 18 -14.62 -4.78 -10.36
CA ARG C 18 -14.96 -5.05 -11.79
C ARG C 18 -15.17 -6.56 -11.95
N PHE C 19 -14.29 -7.40 -11.38
CA PHE C 19 -14.38 -8.88 -11.47
C PHE C 19 -15.68 -9.35 -10.80
N ALA C 20 -16.00 -8.85 -9.60
CA ALA C 20 -17.23 -9.23 -8.84
C ALA C 20 -18.46 -9.00 -9.72
N GLN C 21 -18.57 -7.77 -10.22
CA GLN C 21 -19.67 -7.25 -11.08
C GLN C 21 -19.86 -8.20 -12.27
N ARG C 22 -18.75 -8.73 -12.82
CA ARG C 22 -18.75 -9.49 -14.09
C ARG C 22 -19.34 -10.89 -13.82
N MET C 23 -18.98 -11.50 -12.70
CA MET C 23 -19.58 -12.78 -12.21
C MET C 23 -21.06 -12.54 -11.91
N ALA C 24 -21.40 -11.43 -11.29
CA ALA C 24 -22.78 -11.18 -10.82
C ALA C 24 -23.65 -11.07 -12.07
N GLU C 25 -23.14 -10.38 -13.10
CA GLU C 25 -23.91 -9.97 -14.29
C GLU C 25 -24.05 -11.11 -15.29
N ALA C 26 -23.22 -12.16 -15.22
CA ALA C 26 -23.22 -13.29 -16.17
C ALA C 26 -24.02 -14.45 -15.58
N SER C 27 -24.71 -14.19 -14.46
CA SER C 27 -25.47 -15.19 -13.66
C SER C 27 -26.93 -15.26 -14.14
N GLY C 28 -27.37 -14.26 -14.91
CA GLY C 28 -28.80 -14.13 -15.27
C GLY C 28 -29.67 -14.14 -14.03
N ARG C 29 -29.15 -13.73 -12.87
CA ARG C 29 -29.96 -13.54 -11.64
C ARG C 29 -30.33 -12.06 -11.43
N SER C 30 -31.33 -11.84 -10.58
CA SER C 30 -31.78 -10.51 -10.10
C SER C 30 -30.77 -9.95 -9.08
N LEU C 31 -30.12 -8.80 -9.38
CA LEU C 31 -28.86 -8.29 -8.73
C LEU C 31 -29.11 -7.18 -7.70
N VAL C 32 -28.52 -7.32 -6.52
CA VAL C 32 -28.64 -6.35 -5.39
C VAL C 32 -27.22 -6.03 -4.90
N LEU C 33 -26.76 -4.78 -5.05
CA LEU C 33 -25.57 -4.25 -4.33
C LEU C 33 -25.94 -3.98 -2.88
N ILE C 34 -25.37 -4.74 -1.95
CA ILE C 34 -25.38 -4.41 -0.49
C ILE C 34 -24.25 -3.41 -0.21
N ALA C 35 -24.58 -2.21 0.23
CA ALA C 35 -23.62 -1.07 0.31
C ALA C 35 -23.29 -0.80 1.79
N THR C 36 -21.99 -0.80 2.11
CA THR C 36 -21.47 -0.68 3.49
C THR C 36 -20.93 0.74 3.69
N ALA C 37 -20.85 1.50 2.59
CA ALA C 37 -20.04 2.72 2.40
C ALA C 37 -20.96 3.93 2.36
N GLN C 38 -20.51 5.02 2.96
CA GLN C 38 -21.21 6.33 3.07
C GLN C 38 -20.18 7.36 2.63
N PRO C 39 -20.24 7.98 1.43
CA PRO C 39 -19.27 9.03 1.11
C PRO C 39 -19.42 10.22 2.07
N LEU C 40 -18.43 10.42 2.95
CA LEU C 40 -18.37 11.46 4.01
C LEU C 40 -17.17 12.40 3.79
N ASP C 41 -16.39 12.20 2.73
CA ASP C 41 -15.37 13.16 2.24
C ASP C 41 -15.45 13.23 0.72
N ALA C 42 -14.82 14.24 0.10
CA ALA C 42 -14.90 14.53 -1.35
C ALA C 42 -14.32 13.34 -2.13
N GLU C 43 -13.10 12.90 -1.81
CA GLU C 43 -12.41 11.74 -2.46
C GLU C 43 -13.41 10.59 -2.63
N MET C 44 -14.13 10.23 -1.58
CA MET C 44 -15.06 9.08 -1.54
C MET C 44 -16.33 9.44 -2.32
N ALA C 45 -16.81 10.69 -2.23
CA ALA C 45 -18.03 11.18 -2.93
C ALA C 45 -17.86 11.01 -4.44
N ASP C 46 -16.67 11.32 -4.98
CA ASP C 46 -16.25 11.02 -6.38
C ASP C 46 -16.63 9.58 -6.72
N ARG C 47 -15.95 8.62 -6.10
CA ARG C 47 -15.97 7.18 -6.50
C ARG C 47 -17.42 6.70 -6.60
N ILE C 48 -18.30 7.06 -5.65
CA ILE C 48 -19.71 6.56 -5.59
C ILE C 48 -20.48 7.14 -6.78
N SER C 49 -20.61 8.47 -6.87
CA SER C 49 -21.37 9.17 -7.94
C SER C 49 -20.87 8.70 -9.32
N ARG C 50 -19.54 8.71 -9.51
CA ARG C 50 -18.88 8.49 -10.83
C ARG C 50 -19.03 7.02 -11.29
N HIS C 51 -18.60 6.04 -10.48
CA HIS C 51 -18.53 4.61 -10.90
C HIS C 51 -19.90 3.91 -10.72
N ALA C 52 -20.85 4.51 -10.00
CA ALA C 52 -22.27 4.06 -9.94
C ALA C 52 -22.97 4.34 -11.29
N ALA C 53 -22.62 5.45 -11.94
CA ALA C 53 -23.17 5.93 -13.24
C ALA C 53 -22.81 4.96 -14.38
N ASP C 54 -22.00 3.94 -14.08
CA ASP C 54 -21.57 2.87 -15.00
C ASP C 54 -21.99 1.50 -14.42
N ARG C 55 -23.08 1.49 -13.65
CA ARG C 55 -23.88 0.27 -13.36
C ARG C 55 -25.18 0.37 -14.18
N ASP C 56 -25.58 -0.72 -14.84
CA ASP C 56 -26.89 -0.84 -15.54
C ASP C 56 -28.03 -0.45 -14.59
N ALA C 57 -29.19 -0.14 -15.20
CA ALA C 57 -30.50 -0.01 -14.53
C ALA C 57 -30.89 -1.33 -13.85
N ARG C 58 -30.28 -2.44 -14.27
CA ARG C 58 -30.56 -3.82 -13.80
C ARG C 58 -30.23 -4.00 -12.31
N TRP C 59 -29.33 -3.20 -11.74
CA TRP C 59 -28.91 -3.32 -10.31
C TRP C 59 -29.91 -2.63 -9.38
N THR C 60 -30.17 -3.23 -8.21
CA THR C 60 -30.85 -2.61 -7.04
C THR C 60 -29.82 -2.44 -5.90
N LEU C 61 -29.90 -1.34 -5.17
CA LEU C 61 -28.96 -0.96 -4.09
C LEU C 61 -29.70 -0.91 -2.75
N ILE C 62 -29.22 -1.67 -1.77
CA ILE C 62 -29.68 -1.62 -0.35
C ILE C 62 -28.47 -1.28 0.53
N GLU C 63 -28.58 -0.28 1.40
CA GLU C 63 -27.53 0.11 2.37
C GLU C 63 -27.58 -0.80 3.60
N ALA C 64 -26.38 -1.19 4.10
CA ALA C 64 -26.16 -1.98 5.32
C ALA C 64 -24.81 -1.58 5.94
N PHE C 65 -24.80 -0.46 6.66
CA PHE C 65 -23.57 0.15 7.23
C PHE C 65 -23.13 -0.60 8.50
N PHE C 66 -24.05 -1.25 9.22
CA PHE C 66 -23.70 -1.91 10.50
C PHE C 66 -24.27 -3.33 10.56
N ASP C 67 -25.46 -3.57 10.00
CA ASP C 67 -26.26 -4.78 10.31
C ASP C 67 -26.19 -5.67 9.08
N LEU C 68 -24.97 -5.87 8.59
CA LEU C 68 -24.67 -6.57 7.31
C LEU C 68 -25.26 -7.99 7.36
N GLY C 69 -25.00 -8.74 8.43
CA GLY C 69 -25.48 -10.13 8.61
C GLY C 69 -26.99 -10.21 8.55
N GLN C 70 -27.66 -9.31 9.28
CA GLN C 70 -29.14 -9.19 9.36
C GLN C 70 -29.71 -8.90 7.97
N THR C 71 -29.12 -7.96 7.25
CA THR C 71 -29.57 -7.59 5.90
C THR C 71 -29.44 -8.83 5.00
N LEU C 72 -28.32 -9.55 5.03
CA LEU C 72 -28.15 -10.75 4.18
C LEU C 72 -29.25 -11.79 4.49
N ARG C 73 -29.52 -12.06 5.77
CA ARG C 73 -30.59 -13.02 6.17
C ARG C 73 -31.88 -12.65 5.44
N ARG C 74 -32.28 -11.37 5.51
CA ARG C 74 -33.57 -10.87 5.00
C ARG C 74 -33.59 -10.82 3.48
N GLU C 75 -32.51 -10.43 2.83
CA GLU C 75 -32.56 -10.03 1.39
C GLU C 75 -32.15 -11.20 0.49
N ALA C 76 -31.55 -12.25 1.03
CA ALA C 76 -31.00 -13.36 0.22
C ALA C 76 -32.17 -14.24 -0.23
N GLN C 77 -32.16 -14.70 -1.49
CA GLN C 77 -33.12 -15.72 -1.98
C GLN C 77 -32.70 -16.24 -3.35
N PRO C 78 -33.24 -17.40 -3.79
CA PRO C 78 -32.72 -18.10 -4.98
C PRO C 78 -32.75 -17.32 -6.32
N GLU C 79 -33.67 -16.37 -6.47
CA GLU C 79 -33.83 -15.51 -7.68
C GLU C 79 -32.79 -14.37 -7.64
N ARG C 80 -32.38 -13.97 -6.43
CA ARG C 80 -31.45 -12.83 -6.18
C ARG C 80 -30.00 -13.32 -6.05
N LEU C 81 -29.04 -12.49 -6.51
CA LEU C 81 -27.62 -12.56 -6.09
C LEU C 81 -27.24 -11.24 -5.41
N LEU C 82 -26.88 -11.28 -4.12
CA LEU C 82 -26.37 -10.12 -3.31
C LEU C 82 -24.85 -9.91 -3.55
N VAL C 83 -24.40 -8.67 -3.68
CA VAL C 83 -22.95 -8.37 -3.69
C VAL C 83 -22.69 -7.41 -2.54
N VAL C 84 -21.78 -7.77 -1.62
CA VAL C 84 -21.29 -6.84 -0.56
C VAL C 84 -20.08 -6.09 -1.11
N ASP C 85 -20.25 -4.79 -1.44
CA ASP C 85 -19.24 -3.91 -2.11
C ASP C 85 -17.96 -3.87 -1.27
N SER C 86 -18.04 -3.76 0.06
CA SER C 86 -16.83 -3.72 0.94
C SER C 86 -17.10 -4.25 2.33
N VAL C 87 -16.65 -5.47 2.59
CA VAL C 87 -16.44 -6.01 3.96
C VAL C 87 -15.48 -5.06 4.71
N THR C 88 -14.51 -4.48 4.00
CA THR C 88 -13.46 -3.62 4.56
C THR C 88 -14.13 -2.43 5.24
N LEU C 89 -15.03 -1.74 4.55
CA LEU C 89 -15.69 -0.52 5.08
C LEU C 89 -16.66 -0.87 6.22
N TRP C 90 -17.36 -2.00 6.13
CA TRP C 90 -18.26 -2.51 7.19
C TRP C 90 -17.46 -2.67 8.50
N LEU C 91 -16.34 -3.40 8.47
CA LEU C 91 -15.43 -3.62 9.63
C LEU C 91 -14.97 -2.26 10.20
N SER C 92 -14.53 -1.35 9.33
CA SER C 92 -14.15 0.05 9.69
C SER C 92 -15.29 0.80 10.43
N ASN C 93 -16.55 0.69 10.00
CA ASN C 93 -17.70 1.35 10.69
C ASN C 93 -17.80 0.81 12.13
N LEU C 94 -17.67 -0.51 12.29
CA LEU C 94 -17.76 -1.21 13.59
C LEU C 94 -16.58 -0.79 14.45
N LEU C 95 -15.38 -0.73 13.86
CA LEU C 95 -14.17 -0.48 14.65
C LEU C 95 -14.29 0.93 15.22
N LEU C 96 -14.65 1.88 14.36
CA LEU C 96 -14.67 3.31 14.74
C LEU C 96 -15.78 3.54 15.75
N ARG C 97 -16.83 2.72 15.78
CA ARG C 97 -17.99 2.87 16.73
C ARG C 97 -17.60 2.32 18.12
N GLY C 98 -16.62 1.43 18.22
CA GLY C 98 -16.15 0.88 19.50
C GLY C 98 -16.74 -0.51 19.79
N ASP C 99 -17.47 -1.09 18.83
CA ASP C 99 -17.98 -2.48 18.96
C ASP C 99 -16.76 -3.39 19.17
N ASP C 100 -16.90 -4.50 19.91
CA ASP C 100 -15.97 -5.67 19.84
C ASP C 100 -16.31 -6.41 18.55
N LEU C 101 -15.29 -6.80 17.78
CA LEU C 101 -15.41 -7.21 16.34
C LEU C 101 -15.52 -8.72 16.20
N SER C 102 -15.14 -9.50 17.21
CA SER C 102 -15.18 -10.98 17.12
C SER C 102 -16.60 -11.51 16.88
N PRO C 103 -17.62 -11.20 17.72
CA PRO C 103 -18.95 -11.79 17.51
C PRO C 103 -19.55 -11.49 16.12
N PRO C 104 -19.54 -10.24 15.61
CA PRO C 104 -20.09 -9.95 14.27
C PRO C 104 -19.31 -10.54 13.08
N ILE C 105 -17.99 -10.65 13.19
CA ILE C 105 -17.15 -11.37 12.17
C ILE C 105 -17.58 -12.84 12.21
N LYS C 106 -17.77 -13.38 13.40
CA LYS C 106 -18.25 -14.79 13.61
C LYS C 106 -19.68 -14.93 13.05
N ASP C 107 -20.60 -14.00 13.36
CA ASP C 107 -21.99 -14.03 12.79
C ASP C 107 -21.90 -14.03 11.26
N LEU C 108 -21.01 -13.23 10.66
CA LEU C 108 -21.02 -13.08 9.19
C LEU C 108 -20.63 -14.42 8.51
N ALA C 109 -19.62 -15.13 9.03
CA ALA C 109 -19.15 -16.42 8.47
C ALA C 109 -20.26 -17.48 8.57
N ARG C 110 -21.01 -17.46 9.69
CA ARG C 110 -22.19 -18.34 9.96
C ARG C 110 -23.25 -18.05 8.91
N THR C 111 -23.74 -16.80 8.82
CA THR C 111 -24.70 -16.30 7.80
C THR C 111 -24.29 -16.73 6.38
N ALA C 112 -23.01 -16.68 6.04
CA ALA C 112 -22.52 -16.94 4.66
C ALA C 112 -22.68 -18.41 4.29
N ALA C 113 -22.52 -19.31 5.27
CA ALA C 113 -22.57 -20.78 5.09
C ALA C 113 -24.03 -21.23 5.15
N ARG C 114 -24.91 -20.45 5.79
CA ARG C 114 -26.35 -20.75 5.98
C ARG C 114 -27.22 -19.81 5.12
N LEU C 115 -26.82 -19.43 3.90
CA LEU C 115 -27.54 -18.38 3.13
C LEU C 115 -28.60 -18.97 2.19
N GLU C 116 -29.79 -18.36 2.19
CA GLU C 116 -30.97 -18.66 1.33
C GLU C 116 -30.58 -18.74 -0.15
N GLY C 117 -29.93 -17.68 -0.66
CA GLY C 117 -29.48 -17.58 -2.06
C GLY C 117 -28.01 -17.19 -2.13
N PRO C 118 -27.46 -17.08 -3.34
CA PRO C 118 -26.05 -16.77 -3.52
C PRO C 118 -25.60 -15.34 -3.21
N VAL C 119 -24.36 -15.20 -2.76
CA VAL C 119 -23.73 -13.91 -2.34
C VAL C 119 -22.27 -13.88 -2.77
N ILE C 120 -21.80 -12.71 -3.20
CA ILE C 120 -20.36 -12.41 -3.45
C ILE C 120 -19.92 -11.37 -2.42
N PHE C 121 -18.90 -11.68 -1.61
CA PHE C 121 -18.22 -10.70 -0.72
C PHE C 121 -16.95 -10.19 -1.42
N VAL C 122 -16.77 -8.87 -1.41
CA VAL C 122 -15.54 -8.20 -1.94
C VAL C 122 -14.83 -7.62 -0.72
N SER C 123 -13.55 -7.94 -0.54
CA SER C 123 -12.76 -7.58 0.66
C SER C 123 -11.34 -7.24 0.27
N ASN C 124 -10.73 -6.36 1.05
CA ASN C 124 -9.35 -5.88 0.82
C ASN C 124 -8.40 -6.78 1.58
N GLU C 125 -7.21 -7.00 1.01
CA GLU C 125 -6.04 -7.47 1.79
C GLU C 125 -5.32 -6.22 2.30
N VAL C 126 -5.07 -6.16 3.60
CA VAL C 126 -4.39 -5.00 4.24
C VAL C 126 -3.20 -5.44 5.10
N GLY C 127 -2.64 -6.63 4.88
CA GLY C 127 -1.79 -7.32 5.86
C GLY C 127 -0.34 -7.43 5.42
N ALA C 128 0.00 -7.01 4.19
CA ALA C 128 1.31 -7.26 3.55
C ALA C 128 2.22 -6.01 3.53
N GLY C 129 2.04 -5.07 4.45
CA GLY C 129 2.95 -3.90 4.56
C GLY C 129 3.70 -3.96 5.87
N ILE C 130 4.36 -2.86 6.22
CA ILE C 130 5.06 -2.67 7.53
C ILE C 130 4.01 -2.50 8.64
N VAL C 131 4.26 -3.08 9.82
CA VAL C 131 3.32 -2.98 10.99
C VAL C 131 3.02 -1.51 11.25
N PRO C 132 1.74 -1.13 11.31
CA PRO C 132 1.36 0.26 11.49
C PRO C 132 1.88 0.82 12.82
N ASP C 133 2.11 2.13 12.88
CA ASP C 133 2.70 2.74 14.10
C ASP C 133 1.60 3.26 15.04
N ASN C 134 0.34 2.81 14.91
CA ASN C 134 -0.80 3.18 15.83
C ASN C 134 -1.72 1.98 16.08
N ALA C 135 -2.18 1.86 17.33
CA ALA C 135 -3.09 0.84 17.88
C ALA C 135 -4.31 0.59 16.99
N LEU C 136 -4.91 1.67 16.46
CA LEU C 136 -6.09 1.61 15.58
C LEU C 136 -5.76 0.82 14.30
N ALA C 137 -4.79 1.29 13.51
CA ALA C 137 -4.40 0.63 12.26
C ALA C 137 -4.04 -0.83 12.54
N ARG C 138 -3.34 -1.09 13.66
CA ARG C 138 -2.92 -2.46 13.99
C ARG C 138 -4.15 -3.30 14.27
N ALA C 139 -5.14 -2.73 14.96
CA ALA C 139 -6.30 -3.51 15.45
C ALA C 139 -7.16 -3.85 14.22
N PHE C 140 -7.29 -2.89 13.29
CA PHE C 140 -7.98 -3.14 12.01
C PHE C 140 -7.29 -4.27 11.22
N ARG C 141 -5.98 -4.15 11.03
CA ARG C 141 -5.16 -5.16 10.30
C ARG C 141 -5.42 -6.61 10.74
N ASP C 142 -5.62 -6.83 12.05
CA ASP C 142 -5.98 -8.13 12.67
C ASP C 142 -7.43 -8.51 12.36
N ALA C 143 -8.36 -7.58 12.55
CA ALA C 143 -9.79 -7.87 12.27
C ALA C 143 -9.94 -8.20 10.78
N GLN C 144 -9.29 -7.46 9.89
CA GLN C 144 -9.40 -7.68 8.42
C GLN C 144 -8.87 -9.05 8.03
N GLY C 145 -7.71 -9.45 8.56
CA GLY C 145 -7.08 -10.77 8.31
C GLY C 145 -7.91 -11.92 8.88
N MET C 146 -8.35 -11.82 10.13
CA MET C 146 -9.19 -12.86 10.78
C MET C 146 -10.48 -12.99 9.96
N CYS C 147 -11.13 -11.86 9.63
CA CYS C 147 -12.42 -11.84 8.92
C CYS C 147 -12.27 -12.55 7.57
N ASN C 148 -11.23 -12.22 6.80
CA ASN C 148 -10.95 -12.87 5.49
C ASN C 148 -10.64 -14.35 5.69
N GLN C 149 -10.05 -14.74 6.81
CA GLN C 149 -9.88 -16.18 7.14
C GLN C 149 -11.26 -16.81 7.39
N ARG C 150 -12.12 -16.20 8.19
CA ARG C 150 -13.44 -16.81 8.51
C ARG C 150 -14.38 -16.82 7.29
N LEU C 151 -14.40 -15.79 6.43
CA LEU C 151 -15.16 -15.83 5.15
C LEU C 151 -14.62 -16.90 4.18
N ALA C 152 -13.32 -16.88 3.84
CA ALA C 152 -12.68 -17.87 2.96
C ALA C 152 -13.06 -19.32 3.37
N GLU C 153 -13.13 -19.60 4.68
CA GLU C 153 -13.48 -20.93 5.22
C GLU C 153 -14.96 -21.18 4.90
N ALA C 154 -15.86 -20.24 5.23
CA ALA C 154 -17.32 -20.40 5.13
C ALA C 154 -17.80 -20.49 3.67
N CYS C 155 -17.10 -19.83 2.75
CA CYS C 155 -17.54 -19.64 1.34
C CYS C 155 -17.17 -20.86 0.48
N ASP C 156 -17.93 -21.14 -0.57
CA ASP C 156 -17.71 -22.32 -1.46
C ASP C 156 -16.52 -22.07 -2.38
N ALA C 157 -16.35 -20.83 -2.83
CA ALA C 157 -15.27 -20.44 -3.75
C ALA C 157 -14.55 -19.23 -3.15
N VAL C 158 -13.28 -19.06 -3.52
CA VAL C 158 -12.42 -17.92 -3.10
C VAL C 158 -11.48 -17.60 -4.27
N THR C 159 -11.38 -16.33 -4.62
CA THR C 159 -10.55 -15.86 -5.74
C THR C 159 -9.69 -14.70 -5.25
N LEU C 160 -8.45 -14.64 -5.68
CA LEU C 160 -7.53 -13.51 -5.38
C LEU C 160 -7.31 -12.74 -6.69
N VAL C 161 -7.46 -11.40 -6.68
CA VAL C 161 -7.36 -10.54 -7.89
C VAL C 161 -6.11 -9.65 -7.77
N THR C 162 -5.17 -9.80 -8.71
CA THR C 162 -3.93 -9.01 -8.80
C THR C 162 -3.82 -8.41 -10.19
N ALA C 163 -3.79 -7.08 -10.25
CA ALA C 163 -3.60 -6.29 -11.48
C ALA C 163 -4.73 -6.66 -12.47
N GLY C 164 -5.96 -6.78 -11.97
CA GLY C 164 -7.17 -6.91 -12.80
C GLY C 164 -7.39 -8.32 -13.32
N ILE C 165 -6.54 -9.24 -12.87
CA ILE C 165 -6.57 -10.67 -13.25
C ILE C 165 -6.88 -11.52 -12.02
N ALA C 166 -7.81 -12.46 -12.15
CA ALA C 166 -8.39 -13.28 -11.07
C ALA C 166 -7.69 -14.64 -11.01
N THR C 167 -7.50 -15.16 -9.82
CA THR C 167 -6.86 -16.47 -9.58
C THR C 167 -7.65 -17.16 -8.46
N GLN C 168 -8.26 -18.29 -8.79
CA GLN C 168 -9.06 -19.15 -7.89
C GLN C 168 -8.09 -19.79 -6.92
N ILE C 169 -8.35 -19.69 -5.62
CA ILE C 169 -7.58 -20.42 -4.58
C ILE C 169 -8.54 -21.32 -3.81
N LYS C 170 -9.80 -21.38 -4.25
CA LYS C 170 -10.88 -22.26 -3.75
C LYS C 170 -12.05 -22.25 -4.74
N PRO C 171 -12.74 -23.39 -4.98
CA PRO C 171 -12.28 -24.69 -4.50
C PRO C 171 -10.90 -25.03 -5.09
N GLY C 172 -10.28 -26.04 -4.50
CA GLY C 172 -8.91 -26.46 -4.86
C GLY C 172 -8.27 -27.10 -3.64
N PRO C 173 -7.58 -28.24 -3.81
CA PRO C 173 -6.93 -28.88 -2.66
C PRO C 173 -5.64 -28.15 -2.20
N GLU C 174 -5.55 -27.87 -0.90
CA GLU C 174 -4.36 -27.23 -0.31
C GLU C 174 -3.18 -28.19 -0.39
N PRO C 175 -1.94 -27.69 -0.52
CA PRO C 175 -0.76 -28.55 -0.53
C PRO C 175 -0.57 -29.21 0.84
N VAL C 176 0.04 -30.38 0.84
CA VAL C 176 0.35 -31.16 2.07
C VAL C 176 1.72 -31.80 1.84
N PHE C 177 2.68 -31.55 2.73
CA PHE C 177 4.11 -31.83 2.50
C PHE C 177 4.57 -33.05 3.32
N ARG C 178 5.68 -33.62 2.89
CA ARG C 178 6.19 -34.92 3.38
C ARG C 178 7.64 -34.71 3.86
N PHE C 179 7.82 -34.60 5.17
CA PHE C 179 9.11 -34.29 5.80
C PHE C 179 9.86 -35.61 6.05
N ASP D 1 30.67 -13.11 61.39
CA ASP D 1 29.23 -13.11 61.00
C ASP D 1 29.13 -13.09 59.48
N PRO D 2 28.84 -14.25 58.82
CA PRO D 2 28.66 -14.26 57.37
C PRO D 2 27.22 -13.78 57.09
N ILE D 3 26.90 -13.44 55.84
CA ILE D 3 25.59 -12.85 55.44
C ILE D 3 24.98 -13.77 54.37
N LYS D 4 23.69 -13.63 54.05
CA LYS D 4 22.96 -14.54 53.10
C LYS D 4 22.43 -13.79 51.87
N SER D 5 22.62 -12.47 51.78
CA SER D 5 21.83 -11.56 50.92
C SER D 5 22.44 -10.15 50.98
N LEU D 6 22.87 -9.61 49.83
CA LEU D 6 23.45 -8.24 49.70
C LEU D 6 22.71 -7.49 48.59
N LEU D 7 22.30 -6.24 48.85
CA LEU D 7 21.75 -5.28 47.86
C LEU D 7 22.84 -4.24 47.57
N VAL D 8 23.22 -4.07 46.30
CA VAL D 8 24.17 -3.01 45.88
C VAL D 8 23.37 -1.99 45.06
N VAL D 9 23.18 -0.77 45.59
CA VAL D 9 22.47 0.37 44.91
C VAL D 9 23.52 1.40 44.50
N GLY D 10 23.33 2.04 43.35
CA GLY D 10 24.27 3.03 42.79
C GLY D 10 23.62 3.80 41.66
N GLY D 11 24.16 4.96 41.29
CA GLY D 11 23.74 5.66 40.06
C GLY D 11 24.32 4.97 38.84
N ALA D 12 24.01 5.47 37.65
CA ALA D 12 24.64 5.06 36.35
C ALA D 12 26.17 5.21 36.38
N ARG D 13 26.87 4.22 35.84
CA ARG D 13 28.36 4.09 35.88
C ARG D 13 28.87 4.57 37.25
N SER D 14 28.31 4.03 38.33
CA SER D 14 28.71 4.35 39.72
C SER D 14 29.85 3.43 40.14
N GLY D 15 29.94 2.26 39.50
CA GLY D 15 30.87 1.17 39.83
C GLY D 15 30.21 0.08 40.66
N LYS D 16 28.89 -0.11 40.53
CA LYS D 16 28.11 -1.11 41.32
C LYS D 16 28.50 -2.52 40.86
N SER D 17 28.47 -2.78 39.56
CA SER D 17 28.67 -4.13 38.98
C SER D 17 30.08 -4.59 39.31
N ARG D 18 31.08 -3.72 39.12
CA ARG D 18 32.49 -3.97 39.51
C ARG D 18 32.53 -4.48 40.95
N PHE D 19 31.86 -3.78 41.89
CA PHE D 19 31.90 -4.08 43.36
C PHE D 19 31.24 -5.43 43.66
N ALA D 20 30.05 -5.67 43.09
CA ALA D 20 29.30 -6.94 43.15
C ALA D 20 30.23 -8.09 42.76
N GLN D 21 30.90 -7.96 41.61
CA GLN D 21 31.79 -8.98 41.00
C GLN D 21 32.99 -9.24 41.92
N ARG D 22 33.64 -8.21 42.45
CA ARG D 22 34.86 -8.38 43.29
C ARG D 22 34.50 -9.16 44.56
N MET D 23 33.35 -8.86 45.17
CA MET D 23 32.82 -9.58 46.36
C MET D 23 32.48 -11.03 45.98
N ALA D 24 31.75 -11.22 44.88
CA ALA D 24 31.33 -12.54 44.36
C ALA D 24 32.57 -13.43 44.12
N GLU D 25 33.66 -12.85 43.60
CA GLU D 25 34.87 -13.61 43.15
C GLU D 25 35.79 -13.94 44.33
N ALA D 26 35.48 -13.50 45.54
CA ALA D 26 36.27 -13.79 46.76
C ALA D 26 35.67 -14.99 47.54
N SER D 27 34.47 -15.45 47.21
CA SER D 27 33.58 -16.24 48.12
C SER D 27 33.82 -17.76 48.00
N GLY D 28 34.61 -18.21 47.02
CA GLY D 28 34.96 -19.64 46.87
C GLY D 28 33.77 -20.49 46.46
N ARG D 29 32.58 -19.90 46.34
CA ARG D 29 31.36 -20.63 45.91
C ARG D 29 31.32 -20.69 44.38
N SER D 30 30.40 -21.49 43.85
CA SER D 30 30.07 -21.54 42.41
C SER D 30 29.32 -20.24 42.05
N LEU D 31 29.76 -19.52 41.02
CA LEU D 31 29.29 -18.15 40.69
C LEU D 31 28.33 -18.18 39.51
N VAL D 32 27.08 -17.79 39.74
CA VAL D 32 25.99 -17.73 38.73
C VAL D 32 25.52 -16.28 38.61
N LEU D 33 25.61 -15.72 37.40
CA LEU D 33 25.00 -14.42 37.04
C LEU D 33 23.58 -14.66 36.54
N ILE D 34 22.60 -14.02 37.19
CA ILE D 34 21.17 -13.99 36.77
C ILE D 34 21.01 -12.79 35.85
N ALA D 35 21.11 -12.97 34.54
CA ALA D 35 20.91 -11.87 33.56
C ALA D 35 19.42 -11.56 33.48
N THR D 36 19.04 -10.29 33.59
CA THR D 36 17.63 -9.83 33.64
C THR D 36 17.20 -9.13 32.34
N ALA D 37 18.10 -8.84 31.40
CA ALA D 37 17.71 -8.30 30.08
C ALA D 37 18.64 -8.83 28.98
N GLN D 38 18.36 -8.48 27.73
CA GLN D 38 19.29 -8.82 26.63
C GLN D 38 19.61 -7.53 25.90
N PRO D 39 20.84 -7.37 25.39
CA PRO D 39 21.18 -6.23 24.53
C PRO D 39 20.28 -6.23 23.29
N LEU D 40 19.39 -5.25 23.20
CA LEU D 40 18.37 -5.04 22.12
C LEU D 40 18.54 -3.68 21.44
N ASP D 41 19.65 -2.97 21.71
CA ASP D 41 20.09 -1.78 20.94
C ASP D 41 21.62 -1.82 20.91
N ALA D 42 22.26 -0.97 20.11
CA ALA D 42 23.73 -0.98 19.90
C ALA D 42 24.48 -0.53 21.16
N GLU D 43 24.00 0.51 21.86
CA GLU D 43 24.60 1.00 23.15
C GLU D 43 24.62 -0.16 24.15
N MET D 44 23.50 -0.86 24.28
CA MET D 44 23.33 -1.96 25.25
C MET D 44 24.27 -3.14 24.92
N ALA D 45 24.51 -3.41 23.63
CA ALA D 45 25.31 -4.56 23.13
C ALA D 45 26.81 -4.24 23.22
N ASP D 46 27.17 -2.98 23.47
CA ASP D 46 28.56 -2.55 23.83
C ASP D 46 28.71 -2.56 25.36
N ARG D 47 27.61 -2.56 26.13
CA ARG D 47 27.59 -2.75 27.60
C ARG D 47 27.81 -4.24 27.96
N ILE D 48 27.00 -5.16 27.43
CA ILE D 48 27.13 -6.63 27.72
C ILE D 48 28.37 -7.19 27.02
N SER D 49 28.85 -6.53 25.96
CA SER D 49 30.20 -6.76 25.36
C SER D 49 31.30 -6.60 26.43
N ARG D 50 31.35 -5.45 27.11
CA ARG D 50 32.31 -5.17 28.22
C ARG D 50 32.10 -6.21 29.34
N HIS D 51 30.87 -6.31 29.88
CA HIS D 51 30.49 -7.19 31.02
C HIS D 51 30.97 -8.63 30.80
N ALA D 52 30.74 -9.21 29.62
CA ALA D 52 31.07 -10.63 29.28
C ALA D 52 32.60 -10.80 29.20
N ALA D 53 33.31 -9.87 28.56
CA ALA D 53 34.79 -9.84 28.50
C ALA D 53 35.37 -9.85 29.92
N ASP D 54 34.83 -8.99 30.79
CA ASP D 54 35.25 -8.79 32.22
C ASP D 54 35.04 -10.07 33.05
N ARG D 55 34.08 -10.93 32.68
CA ARG D 55 33.72 -12.13 33.48
C ARG D 55 34.71 -13.27 33.18
N ASP D 56 35.16 -13.91 34.26
CA ASP D 56 35.99 -15.14 34.33
C ASP D 56 35.25 -16.28 33.62
N ALA D 57 35.93 -17.39 33.30
CA ALA D 57 35.27 -18.66 32.90
C ALA D 57 34.87 -19.44 34.16
N ARG D 58 34.57 -18.75 35.26
CA ARG D 58 34.14 -19.33 36.56
C ARG D 58 32.64 -19.05 36.80
N TRP D 59 32.03 -18.21 35.95
CA TRP D 59 30.60 -17.81 35.97
C TRP D 59 29.76 -18.68 35.03
N THR D 60 28.71 -19.32 35.55
CA THR D 60 27.53 -19.76 34.75
C THR D 60 26.67 -18.51 34.50
N LEU D 61 25.95 -18.47 33.38
CA LEU D 61 24.91 -17.46 33.06
C LEU D 61 23.54 -18.16 32.99
N ILE D 62 22.55 -17.61 33.68
CA ILE D 62 21.11 -18.04 33.61
C ILE D 62 20.28 -16.77 33.35
N GLU D 63 19.33 -16.87 32.40
CA GLU D 63 18.50 -15.73 31.93
C GLU D 63 17.17 -15.73 32.69
N ALA D 64 16.89 -14.70 33.49
CA ALA D 64 15.59 -14.52 34.17
C ALA D 64 15.05 -13.12 33.83
N PHE D 65 14.36 -13.03 32.70
CA PHE D 65 13.89 -11.75 32.11
C PHE D 65 12.61 -11.29 32.81
N PHE D 66 11.71 -12.22 33.18
CA PHE D 66 10.41 -11.93 33.83
C PHE D 66 10.26 -12.67 35.18
N ASP D 67 10.48 -13.98 35.17
CA ASP D 67 10.21 -14.90 36.30
C ASP D 67 11.47 -14.96 37.17
N LEU D 68 11.89 -13.79 37.68
CA LEU D 68 13.09 -13.63 38.55
C LEU D 68 12.87 -14.41 39.85
N GLY D 69 11.73 -14.16 40.51
CA GLY D 69 11.34 -14.81 41.76
C GLY D 69 11.48 -16.32 41.65
N GLN D 70 10.82 -16.93 40.65
CA GLN D 70 10.84 -18.41 40.55
C GLN D 70 12.28 -18.84 40.21
N THR D 71 13.03 -18.03 39.44
CA THR D 71 14.41 -18.41 39.04
C THR D 71 15.29 -18.51 40.30
N LEU D 72 15.19 -17.56 41.23
CA LEU D 72 16.06 -17.54 42.44
C LEU D 72 15.68 -18.69 43.39
N ARG D 73 14.41 -19.09 43.41
CA ARG D 73 13.94 -20.17 44.33
C ARG D 73 14.50 -21.51 43.83
N ARG D 74 14.57 -21.70 42.51
CA ARG D 74 15.07 -22.94 41.85
C ARG D 74 16.60 -23.00 41.96
N GLU D 75 17.28 -21.94 41.52
CA GLU D 75 18.73 -21.94 41.23
C GLU D 75 19.57 -21.72 42.49
N ALA D 76 19.03 -21.13 43.54
CA ALA D 76 19.82 -20.89 44.77
C ALA D 76 20.04 -22.24 45.45
N GLN D 77 21.24 -22.42 46.03
CA GLN D 77 21.62 -23.61 46.82
C GLN D 77 22.89 -23.24 47.58
N PRO D 78 23.23 -23.91 48.70
CA PRO D 78 24.39 -23.48 49.51
C PRO D 78 25.76 -23.52 48.83
N GLU D 79 25.94 -24.24 47.72
CA GLU D 79 27.24 -24.28 46.98
C GLU D 79 27.36 -23.02 46.13
N ARG D 80 26.24 -22.53 45.58
CA ARG D 80 26.18 -21.48 44.52
C ARG D 80 26.00 -20.07 45.12
N LEU D 81 26.58 -19.05 44.49
CA LEU D 81 26.29 -17.60 44.77
C LEU D 81 25.66 -16.96 43.51
N LEU D 82 24.41 -16.53 43.62
CA LEU D 82 23.69 -15.86 42.52
C LEU D 82 23.96 -14.36 42.62
N VAL D 83 24.26 -13.71 41.50
CA VAL D 83 24.35 -12.24 41.39
C VAL D 83 23.29 -11.82 40.38
N VAL D 84 22.28 -11.04 40.79
CA VAL D 84 21.21 -10.53 39.88
C VAL D 84 21.79 -9.31 39.16
N ASP D 85 21.94 -9.40 37.82
CA ASP D 85 22.62 -8.45 36.90
C ASP D 85 22.11 -7.04 37.19
N SER D 86 20.82 -6.81 36.98
CA SER D 86 20.13 -5.53 37.23
C SER D 86 18.69 -5.81 37.67
N VAL D 87 18.33 -5.39 38.88
CA VAL D 87 16.92 -5.32 39.31
C VAL D 87 16.18 -4.30 38.43
N THR D 88 16.82 -3.18 38.09
CA THR D 88 16.25 -2.06 37.29
C THR D 88 15.62 -2.58 35.98
N LEU D 89 16.36 -3.43 35.25
CA LEU D 89 15.92 -3.90 33.92
C LEU D 89 14.82 -4.94 34.07
N TRP D 90 14.86 -5.76 35.11
CA TRP D 90 13.73 -6.66 35.46
C TRP D 90 12.43 -5.85 35.64
N LEU D 91 12.42 -4.84 36.52
CA LEU D 91 11.22 -3.98 36.72
C LEU D 91 10.81 -3.40 35.37
N SER D 92 11.78 -2.95 34.58
CA SER D 92 11.54 -2.30 33.27
C SER D 92 10.77 -3.26 32.37
N ASN D 93 11.25 -4.50 32.25
CA ASN D 93 10.56 -5.57 31.48
C ASN D 93 9.12 -5.69 31.97
N LEU D 94 8.91 -5.83 33.27
CA LEU D 94 7.54 -6.02 33.80
C LEU D 94 6.69 -4.79 33.44
N LEU D 95 7.23 -3.58 33.62
CA LEU D 95 6.48 -2.31 33.40
C LEU D 95 6.03 -2.22 31.94
N LEU D 96 6.98 -2.42 31.02
CA LEU D 96 6.73 -2.34 29.56
C LEU D 96 5.71 -3.41 29.12
N ARG D 97 5.69 -4.59 29.74
CA ARG D 97 4.74 -5.66 29.35
C ARG D 97 3.33 -5.32 29.87
N GLY D 98 3.21 -4.47 30.90
CA GLY D 98 1.92 -4.04 31.48
C GLY D 98 1.49 -4.81 32.74
N ASP D 99 2.29 -5.75 33.23
CA ASP D 99 2.12 -6.36 34.56
C ASP D 99 1.88 -5.29 35.63
N ASP D 100 1.01 -5.57 36.59
CA ASP D 100 0.95 -4.89 37.91
C ASP D 100 2.26 -5.21 38.67
N LEU D 101 3.00 -4.18 39.10
CA LEU D 101 4.36 -4.31 39.71
C LEU D 101 4.32 -4.60 41.22
N SER D 102 3.24 -4.29 41.95
CA SER D 102 3.23 -4.43 43.43
C SER D 102 3.53 -5.88 43.83
N PRO D 103 2.79 -6.88 43.30
CA PRO D 103 2.99 -8.29 43.66
C PRO D 103 4.35 -8.94 43.37
N PRO D 104 4.97 -8.78 42.18
CA PRO D 104 6.28 -9.40 41.94
C PRO D 104 7.33 -8.74 42.83
N ILE D 105 7.16 -7.45 43.15
CA ILE D 105 8.08 -6.73 44.10
C ILE D 105 7.96 -7.37 45.47
N LYS D 106 6.74 -7.62 45.95
CA LYS D 106 6.52 -8.19 47.29
C LYS D 106 7.05 -9.62 47.30
N ASP D 107 6.75 -10.39 46.25
CA ASP D 107 7.22 -11.79 46.11
C ASP D 107 8.75 -11.82 46.12
N LEU D 108 9.41 -10.89 45.42
CA LEU D 108 10.89 -10.91 45.29
C LEU D 108 11.49 -10.62 46.66
N ALA D 109 10.83 -9.75 47.44
CA ALA D 109 11.26 -9.31 48.77
C ALA D 109 11.16 -10.48 49.77
N ARG D 110 10.02 -11.20 49.78
CA ARG D 110 9.82 -12.40 50.64
C ARG D 110 10.82 -13.50 50.26
N THR D 111 10.95 -13.78 48.95
CA THR D 111 11.89 -14.79 48.38
C THR D 111 13.31 -14.53 48.89
N ALA D 112 13.79 -13.27 48.83
CA ALA D 112 15.19 -12.91 49.14
C ALA D 112 15.51 -13.16 50.61
N ALA D 113 14.50 -13.07 51.48
CA ALA D 113 14.62 -13.25 52.95
C ALA D 113 14.61 -14.75 53.30
N ARG D 114 14.08 -15.63 52.43
CA ARG D 114 13.84 -17.07 52.72
C ARG D 114 14.83 -17.97 51.99
N LEU D 115 15.66 -17.44 51.09
CA LEU D 115 16.40 -18.23 50.08
C LEU D 115 17.28 -19.31 50.73
N GLU D 116 17.48 -20.40 49.98
CA GLU D 116 18.23 -21.60 50.46
C GLU D 116 19.70 -21.46 50.01
N GLY D 117 20.14 -20.26 49.58
CA GLY D 117 21.55 -19.98 49.19
C GLY D 117 21.86 -18.48 49.13
N PRO D 118 23.14 -18.06 49.14
CA PRO D 118 23.50 -16.64 49.11
C PRO D 118 23.26 -15.96 47.75
N VAL D 119 22.73 -14.73 47.78
CA VAL D 119 22.41 -13.92 46.57
C VAL D 119 22.92 -12.50 46.79
N ILE D 120 23.37 -11.84 45.72
CA ILE D 120 23.67 -10.38 45.64
C ILE D 120 22.77 -9.78 44.58
N PHE D 121 22.00 -8.74 44.92
CA PHE D 121 21.17 -7.95 43.97
C PHE D 121 21.91 -6.68 43.58
N VAL D 122 21.95 -6.34 42.28
CA VAL D 122 22.50 -5.03 41.82
C VAL D 122 21.36 -4.19 41.26
N SER D 123 21.30 -2.91 41.62
CA SER D 123 20.12 -2.04 41.40
C SER D 123 20.51 -0.58 41.32
N ASN D 124 19.76 0.21 40.55
CA ASN D 124 20.03 1.65 40.35
C ASN D 124 19.21 2.49 41.33
N GLU D 125 19.79 3.58 41.81
CA GLU D 125 19.06 4.76 42.33
C GLU D 125 18.63 5.62 41.12
N VAL D 126 17.33 5.85 40.94
CA VAL D 126 16.76 6.73 39.86
C VAL D 126 15.87 7.86 40.45
N GLY D 127 16.02 8.22 41.74
CA GLY D 127 15.00 8.98 42.49
C GLY D 127 15.38 10.43 42.72
N ALA D 128 16.62 10.80 42.39
CA ALA D 128 17.32 12.03 42.88
C ALA D 128 17.44 13.08 41.77
N GLY D 129 16.55 13.01 40.78
CA GLY D 129 16.44 14.00 39.70
C GLY D 129 15.09 14.72 39.76
N ILE D 130 14.76 15.44 38.68
CA ILE D 130 13.53 16.27 38.58
C ILE D 130 12.40 15.35 38.18
N VAL D 131 11.21 15.56 38.73
CA VAL D 131 10.08 14.61 38.49
C VAL D 131 9.99 14.43 36.97
N PRO D 132 10.04 13.18 36.46
CA PRO D 132 10.03 12.96 35.01
C PRO D 132 8.77 13.46 34.27
N ASP D 133 9.01 13.82 33.02
CA ASP D 133 8.10 14.55 32.09
C ASP D 133 6.87 13.72 31.73
N ASN D 134 6.87 12.40 31.99
CA ASN D 134 5.87 11.44 31.43
C ASN D 134 5.52 10.36 32.45
N ALA D 135 4.32 9.80 32.31
CA ALA D 135 3.67 8.87 33.27
C ALA D 135 4.40 7.53 33.31
N LEU D 136 5.14 7.20 32.26
CA LEU D 136 5.86 5.91 32.17
C LEU D 136 7.09 5.97 33.08
N ALA D 137 7.91 7.02 32.96
CA ALA D 137 9.14 7.24 33.74
C ALA D 137 8.81 7.46 35.22
N ARG D 138 7.70 8.14 35.51
CA ARG D 138 7.20 8.35 36.88
C ARG D 138 6.81 6.99 37.50
N ALA D 139 5.91 6.25 36.88
CA ALA D 139 5.52 4.90 37.37
C ALA D 139 6.79 4.12 37.71
N PHE D 140 7.76 4.07 36.81
CA PHE D 140 9.05 3.36 36.99
C PHE D 140 9.81 3.86 38.23
N ARG D 141 9.92 5.17 38.38
CA ARG D 141 10.66 5.81 39.49
C ARG D 141 10.04 5.32 40.81
N ASP D 142 8.71 5.43 40.93
CA ASP D 142 7.93 5.04 42.13
C ASP D 142 8.28 3.58 42.44
N ALA D 143 8.31 2.73 41.42
CA ALA D 143 8.40 1.27 41.60
C ALA D 143 9.86 0.87 41.87
N GLN D 144 10.84 1.60 41.32
CA GLN D 144 12.27 1.30 41.62
C GLN D 144 12.59 1.63 43.08
N GLY D 145 11.93 2.64 43.66
CA GLY D 145 12.15 3.05 45.05
C GLY D 145 11.45 2.14 46.06
N MET D 146 10.20 1.79 45.79
CA MET D 146 9.41 0.80 46.57
C MET D 146 10.26 -0.47 46.66
N CYS D 147 10.74 -0.94 45.50
CA CYS D 147 11.53 -2.19 45.32
C CYS D 147 12.83 -2.10 46.13
N ASN D 148 13.54 -0.99 46.01
CA ASN D 148 14.86 -0.79 46.67
C ASN D 148 14.66 -0.76 48.20
N GLN D 149 13.57 -0.16 48.67
CA GLN D 149 13.16 -0.19 50.10
C GLN D 149 12.94 -1.62 50.60
N ARG D 150 12.19 -2.43 49.85
CA ARG D 150 11.74 -3.78 50.28
C ARG D 150 12.91 -4.77 50.23
N LEU D 151 13.74 -4.72 49.18
CA LEU D 151 14.99 -5.52 49.10
C LEU D 151 15.92 -5.14 50.25
N ALA D 152 16.10 -3.83 50.51
CA ALA D 152 17.04 -3.31 51.53
C ALA D 152 16.62 -3.81 52.91
N GLU D 153 15.31 -3.93 53.13
CA GLU D 153 14.70 -4.42 54.38
C GLU D 153 14.92 -5.94 54.51
N ALA D 154 14.65 -6.69 53.44
CA ALA D 154 14.74 -8.16 53.40
C ALA D 154 16.19 -8.62 53.55
N CYS D 155 17.15 -7.87 53.00
CA CYS D 155 18.57 -8.28 52.83
C CYS D 155 19.32 -8.09 54.15
N ASP D 156 20.40 -8.84 54.34
CA ASP D 156 21.28 -8.78 55.54
C ASP D 156 22.18 -7.54 55.47
N ALA D 157 22.68 -7.22 54.27
CA ALA D 157 23.64 -6.12 54.01
C ALA D 157 23.18 -5.25 52.84
N VAL D 158 23.47 -3.95 52.91
CA VAL D 158 23.13 -2.94 51.87
C VAL D 158 24.31 -1.97 51.75
N THR D 159 24.97 -1.98 50.59
CA THR D 159 26.03 -1.00 50.27
C THR D 159 25.51 -0.02 49.22
N LEU D 160 25.76 1.27 49.44
CA LEU D 160 25.54 2.38 48.49
C LEU D 160 26.89 2.72 47.84
N VAL D 161 27.01 2.56 46.52
CA VAL D 161 28.30 2.72 45.77
C VAL D 161 28.31 4.06 45.01
N THR D 162 29.35 4.86 45.25
CA THR D 162 29.55 6.27 44.81
C THR D 162 30.94 6.46 44.22
N ALA D 163 31.02 6.88 42.96
CA ALA D 163 32.29 7.14 42.27
C ALA D 163 33.22 5.93 42.43
N GLY D 164 32.61 4.73 42.48
CA GLY D 164 33.31 3.43 42.52
C GLY D 164 33.81 3.08 43.91
N ILE D 165 33.32 3.79 44.93
CA ILE D 165 33.67 3.53 46.35
C ILE D 165 32.38 3.10 47.04
N ALA D 166 32.38 1.86 47.53
CA ALA D 166 31.30 1.25 48.33
C ALA D 166 31.34 1.83 49.73
N THR D 167 30.16 1.92 50.37
CA THR D 167 29.92 2.37 51.78
C THR D 167 28.83 1.47 52.38
N GLN D 168 29.01 0.99 53.61
CA GLN D 168 27.99 0.15 54.28
C GLN D 168 26.94 1.06 54.93
N ILE D 169 25.66 0.74 54.76
CA ILE D 169 24.53 1.42 55.46
C ILE D 169 23.67 0.36 56.18
N LYS D 170 23.99 -0.93 55.98
CA LYS D 170 23.45 -2.06 56.78
C LYS D 170 24.36 -3.27 56.63
N PRO D 171 24.55 -4.10 57.69
CA PRO D 171 24.04 -3.79 59.04
C PRO D 171 24.71 -2.54 59.61
N GLY D 172 23.99 -1.83 60.48
CA GLY D 172 24.49 -0.66 61.23
C GLY D 172 23.37 -0.07 62.08
N PRO D 173 23.65 0.53 63.25
CA PRO D 173 22.59 1.08 64.09
C PRO D 173 21.91 2.28 63.42
N GLU D 174 20.59 2.19 63.22
CA GLU D 174 19.76 3.31 62.73
C GLU D 174 19.94 4.49 63.68
N PRO D 175 20.13 5.72 63.16
CA PRO D 175 20.04 6.94 63.98
C PRO D 175 18.72 7.07 64.76
N VAL D 176 18.81 7.59 65.99
CA VAL D 176 17.65 7.90 66.88
C VAL D 176 17.70 9.42 67.19
N PHE D 177 16.54 10.04 67.41
CA PHE D 177 16.39 11.48 67.79
C PHE D 177 15.33 11.61 68.91
N ARG D 178 15.37 12.69 69.71
CA ARG D 178 14.41 12.95 70.82
C ARG D 178 13.69 14.29 70.61
N ASP E 1 -53.05 31.63 18.05
CA ASP E 1 -51.92 32.05 17.16
C ASP E 1 -51.07 30.83 16.80
N PRO E 2 -51.68 29.74 16.27
CA PRO E 2 -50.94 28.49 16.01
C PRO E 2 -49.74 28.75 15.09
N ILE E 3 -48.56 28.25 15.48
CA ILE E 3 -47.26 28.49 14.76
C ILE E 3 -46.89 27.24 13.97
N LYS E 4 -46.45 27.39 12.72
CA LYS E 4 -46.01 26.26 11.85
C LYS E 4 -44.56 25.86 12.15
N SER E 5 -43.70 26.77 12.67
CA SER E 5 -42.21 26.57 12.74
C SER E 5 -41.60 27.23 13.99
N LEU E 6 -40.84 26.46 14.77
CA LEU E 6 -40.05 26.90 15.96
C LEU E 6 -38.57 26.60 15.73
N LEU E 7 -37.69 27.54 16.02
CA LEU E 7 -36.23 27.30 16.16
C LEU E 7 -35.85 27.43 17.64
N VAL E 8 -35.19 26.41 18.19
CA VAL E 8 -34.58 26.40 19.55
C VAL E 8 -33.06 26.46 19.40
N VAL E 9 -32.39 27.49 19.94
CA VAL E 9 -30.90 27.58 19.86
C VAL E 9 -30.35 27.60 21.29
N GLY E 10 -29.14 27.08 21.48
CA GLY E 10 -28.42 27.05 22.77
C GLY E 10 -27.01 26.51 22.63
N GLY E 11 -26.23 26.60 23.71
CA GLY E 11 -24.87 26.03 23.77
C GLY E 11 -24.89 24.51 23.85
N ALA E 12 -23.73 23.92 24.14
CA ALA E 12 -23.52 22.50 24.45
C ALA E 12 -24.11 22.20 25.84
N ARG E 13 -24.91 21.13 25.93
CA ARG E 13 -25.59 20.71 27.18
C ARG E 13 -26.27 21.93 27.78
N SER E 14 -27.10 22.59 26.96
CA SER E 14 -27.89 23.80 27.30
C SER E 14 -29.32 23.41 27.70
N GLY E 15 -29.77 22.21 27.37
CA GLY E 15 -31.17 21.79 27.58
C GLY E 15 -32.07 22.07 26.39
N LYS E 16 -31.52 22.64 25.31
CA LYS E 16 -32.29 22.93 24.08
C LYS E 16 -33.07 21.69 23.64
N SER E 17 -32.45 20.49 23.68
CA SER E 17 -33.01 19.20 23.15
C SER E 17 -34.24 18.78 23.96
N ARG E 18 -34.08 18.71 25.30
CA ARG E 18 -35.17 18.39 26.26
C ARG E 18 -36.34 19.36 26.05
N PHE E 19 -36.09 20.66 25.92
CA PHE E 19 -37.14 21.68 25.73
C PHE E 19 -37.90 21.42 24.41
N ALA E 20 -37.22 20.90 23.38
CA ALA E 20 -37.86 20.55 22.08
C ALA E 20 -38.86 19.42 22.31
N GLN E 21 -38.54 18.51 23.23
CA GLN E 21 -39.37 17.34 23.65
C GLN E 21 -40.70 17.84 24.26
N ARG E 22 -40.66 18.60 25.37
CA ARG E 22 -41.87 19.10 26.08
C ARG E 22 -42.85 19.73 25.09
N MET E 23 -42.36 20.59 24.19
CA MET E 23 -43.19 21.33 23.20
C MET E 23 -43.80 20.35 22.18
N ALA E 24 -43.09 19.28 21.82
CA ALA E 24 -43.56 18.30 20.82
C ALA E 24 -44.64 17.41 21.44
N GLU E 25 -44.36 16.89 22.65
CA GLU E 25 -45.19 15.89 23.38
C GLU E 25 -46.54 16.53 23.78
N ALA E 26 -46.55 17.84 24.01
CA ALA E 26 -47.73 18.61 24.44
C ALA E 26 -48.60 19.02 23.23
N SER E 27 -48.27 18.62 22.00
CA SER E 27 -49.08 18.97 20.80
C SER E 27 -50.03 17.81 20.44
N GLY E 28 -50.05 16.74 21.24
CA GLY E 28 -50.82 15.51 21.00
C GLY E 28 -50.90 15.14 19.53
N ARG E 29 -49.78 15.19 18.80
CA ARG E 29 -49.69 14.90 17.34
C ARG E 29 -48.81 13.68 17.10
N SER E 30 -48.82 13.15 15.88
CA SER E 30 -47.92 12.05 15.45
C SER E 30 -46.49 12.62 15.44
N LEU E 31 -45.66 12.18 16.38
CA LEU E 31 -44.33 12.79 16.64
C LEU E 31 -43.24 12.04 15.84
N VAL E 32 -42.59 12.73 14.90
CA VAL E 32 -41.45 12.20 14.10
C VAL E 32 -40.17 12.92 14.54
N LEU E 33 -39.16 12.17 14.98
CA LEU E 33 -37.78 12.70 15.14
C LEU E 33 -37.04 12.53 13.81
N ILE E 34 -36.53 13.61 13.24
CA ILE E 34 -35.65 13.60 12.04
C ILE E 34 -34.21 13.63 12.54
N ALA E 35 -33.46 12.55 12.30
CA ALA E 35 -32.05 12.39 12.72
C ALA E 35 -31.12 12.90 11.61
N THR E 36 -30.05 13.57 12.04
CA THR E 36 -28.92 14.07 11.23
C THR E 36 -27.63 13.42 11.75
N ALA E 37 -27.63 13.05 13.04
CA ALA E 37 -26.55 12.40 13.80
C ALA E 37 -26.36 10.96 13.27
N GLN E 38 -25.18 10.40 13.53
CA GLN E 38 -24.73 9.08 13.02
C GLN E 38 -23.55 8.61 13.87
N PRO E 39 -23.81 7.89 15.00
CA PRO E 39 -22.77 7.20 15.75
C PRO E 39 -21.62 6.59 14.93
N LEU E 40 -20.52 7.33 14.80
CA LEU E 40 -19.25 6.88 14.21
C LEU E 40 -18.10 7.10 15.20
N ASP E 41 -18.43 7.16 16.51
CA ASP E 41 -17.48 6.95 17.64
C ASP E 41 -18.26 6.54 18.89
N ALA E 42 -17.56 6.04 19.90
CA ALA E 42 -18.11 5.45 21.14
C ALA E 42 -18.91 6.49 21.92
N GLU E 43 -18.38 7.72 22.06
CA GLU E 43 -19.08 8.88 22.71
C GLU E 43 -20.43 9.08 22.04
N MET E 44 -20.46 9.17 20.71
CA MET E 44 -21.68 9.47 19.90
C MET E 44 -22.58 8.24 19.88
N ALA E 45 -22.00 7.03 20.03
CA ALA E 45 -22.73 5.75 20.12
C ALA E 45 -23.35 5.55 21.51
N ASP E 46 -22.76 6.14 22.55
CA ASP E 46 -23.37 6.19 23.91
C ASP E 46 -24.48 7.24 23.87
N ARG E 47 -24.13 8.49 23.55
CA ARG E 47 -25.04 9.67 23.65
C ARG E 47 -25.91 9.77 22.40
N ILE E 48 -26.37 8.64 21.84
CA ILE E 48 -27.65 8.52 21.06
C ILE E 48 -28.30 7.15 21.31
N SER E 49 -27.77 6.35 22.25
CA SER E 49 -28.51 5.24 22.91
C SER E 49 -29.06 5.75 24.26
N ARG E 50 -28.62 6.93 24.69
CA ARG E 50 -29.24 7.70 25.81
C ARG E 50 -30.48 8.44 25.29
N HIS E 51 -30.30 9.39 24.35
CA HIS E 51 -31.39 10.05 23.58
C HIS E 51 -32.46 9.00 23.25
N ALA E 52 -32.04 7.79 22.83
CA ALA E 52 -32.90 6.61 22.54
C ALA E 52 -33.72 6.21 23.78
N ALA E 53 -33.05 5.75 24.86
CA ALA E 53 -33.69 5.24 26.10
C ALA E 53 -34.78 6.20 26.62
N ASP E 54 -34.69 7.50 26.32
CA ASP E 54 -35.54 8.59 26.90
C ASP E 54 -36.90 8.70 26.20
N ARG E 55 -37.10 8.05 25.05
CA ARG E 55 -38.28 8.24 24.15
C ARG E 55 -39.13 6.96 24.09
N ASP E 56 -40.40 7.10 23.69
CA ASP E 56 -41.45 6.05 23.77
C ASP E 56 -41.97 5.72 22.36
N ALA E 57 -43.03 4.89 22.28
CA ALA E 57 -43.71 4.41 21.05
C ALA E 57 -44.35 5.57 20.29
N ARG E 58 -44.76 6.65 20.99
CA ARG E 58 -45.37 7.88 20.40
C ARG E 58 -44.45 8.41 19.28
N TRP E 59 -43.14 8.30 19.52
CA TRP E 59 -42.04 8.79 18.64
C TRP E 59 -41.73 7.78 17.53
N THR E 60 -41.67 8.24 16.26
CA THR E 60 -41.05 7.56 15.09
C THR E 60 -39.56 7.95 15.04
N LEU E 61 -38.87 7.79 13.91
CA LEU E 61 -37.42 8.14 13.74
C LEU E 61 -37.03 7.98 12.26
N ILE E 62 -37.10 9.06 11.46
CA ILE E 62 -36.61 9.07 10.05
C ILE E 62 -35.16 9.58 10.06
N GLU E 63 -34.37 9.16 9.07
CA GLU E 63 -32.94 9.54 8.90
C GLU E 63 -32.85 10.57 7.76
N ALA E 64 -31.89 11.49 7.83
CA ALA E 64 -31.66 12.53 6.81
C ALA E 64 -30.30 13.18 7.09
N PHE E 65 -29.23 12.56 6.61
CA PHE E 65 -27.84 12.98 6.91
C PHE E 65 -27.50 14.19 6.04
N PHE E 66 -28.17 14.38 4.91
CA PHE E 66 -27.68 15.26 3.80
C PHE E 66 -28.81 16.05 3.15
N ASP E 67 -29.88 15.36 2.71
CA ASP E 67 -31.02 15.96 1.96
C ASP E 67 -32.16 16.18 2.96
N LEU E 68 -31.91 17.05 3.94
CA LEU E 68 -32.85 17.45 5.02
C LEU E 68 -33.98 18.27 4.41
N GLY E 69 -33.68 19.13 3.43
CA GLY E 69 -34.69 19.78 2.57
C GLY E 69 -35.66 18.76 1.96
N GLN E 70 -35.18 17.92 1.03
CA GLN E 70 -36.01 16.91 0.34
C GLN E 70 -36.80 16.13 1.41
N THR E 71 -36.16 15.72 2.51
CA THR E 71 -36.79 14.91 3.60
C THR E 71 -37.96 15.66 4.23
N LEU E 72 -37.81 16.96 4.47
CA LEU E 72 -38.85 17.77 5.16
C LEU E 72 -39.99 18.05 4.17
N ARG E 73 -39.67 18.35 2.90
CA ARG E 73 -40.68 18.64 1.83
C ARG E 73 -41.40 17.36 1.41
N ARG E 74 -41.48 16.36 2.30
CA ARG E 74 -42.14 15.06 2.04
C ARG E 74 -42.70 14.52 3.36
N GLU E 75 -41.88 14.35 4.40
CA GLU E 75 -42.35 13.77 5.69
C GLU E 75 -43.29 14.75 6.43
N ALA E 76 -43.34 16.02 6.03
CA ALA E 76 -44.21 17.04 6.69
C ALA E 76 -45.66 16.87 6.23
N GLN E 77 -46.60 16.90 7.18
CA GLN E 77 -48.07 16.89 6.88
C GLN E 77 -48.85 17.26 8.14
N PRO E 78 -50.05 17.88 7.99
CA PRO E 78 -50.68 18.65 9.06
C PRO E 78 -50.94 17.92 10.39
N GLU E 79 -50.92 16.57 10.39
CA GLU E 79 -51.16 15.70 11.58
C GLU E 79 -49.82 15.28 12.19
N ARG E 80 -48.72 15.58 11.47
CA ARG E 80 -47.32 15.34 11.90
C ARG E 80 -46.70 16.64 12.40
N LEU E 81 -45.91 16.56 13.48
CA LEU E 81 -44.91 17.58 13.91
C LEU E 81 -43.50 16.97 13.79
N LEU E 82 -42.68 17.47 12.87
CA LEU E 82 -41.28 17.02 12.66
C LEU E 82 -40.34 17.76 13.63
N VAL E 83 -39.44 17.04 14.31
CA VAL E 83 -38.29 17.65 15.06
C VAL E 83 -36.98 17.27 14.37
N VAL E 84 -36.26 18.28 13.83
CA VAL E 84 -34.91 18.15 13.22
C VAL E 84 -33.90 18.14 14.37
N ASP E 85 -33.18 17.02 14.52
CA ASP E 85 -32.45 16.58 15.75
C ASP E 85 -31.33 17.58 16.08
N SER E 86 -30.37 17.74 15.17
CA SER E 86 -29.30 18.76 15.25
C SER E 86 -29.07 19.34 13.86
N VAL E 87 -29.38 20.64 13.68
CA VAL E 87 -29.02 21.37 12.44
C VAL E 87 -27.49 21.39 12.33
N THR E 88 -26.82 21.52 13.49
CA THR E 88 -25.33 21.52 13.62
C THR E 88 -24.70 20.32 12.89
N LEU E 89 -25.20 19.10 13.09
CA LEU E 89 -24.57 17.84 12.59
C LEU E 89 -24.83 17.70 11.09
N TRP E 90 -25.97 18.18 10.63
CA TRP E 90 -26.32 18.26 9.20
C TRP E 90 -25.29 19.14 8.49
N LEU E 91 -25.12 20.39 8.94
CA LEU E 91 -24.08 21.31 8.40
C LEU E 91 -22.74 20.59 8.47
N SER E 92 -22.44 19.94 9.60
CA SER E 92 -21.15 19.24 9.80
C SER E 92 -20.95 18.15 8.74
N ASN E 93 -21.96 17.28 8.55
CA ASN E 93 -21.93 16.27 7.46
C ASN E 93 -21.60 16.99 6.14
N LEU E 94 -22.35 18.04 5.77
CA LEU E 94 -22.22 18.69 4.44
C LEU E 94 -20.82 19.29 4.28
N LEU E 95 -20.33 19.93 5.33
CA LEU E 95 -19.03 20.65 5.28
C LEU E 95 -17.93 19.62 5.00
N LEU E 96 -17.87 18.56 5.82
CA LEU E 96 -16.84 17.49 5.72
C LEU E 96 -16.92 16.78 4.36
N ARG E 97 -18.12 16.60 3.80
CA ARG E 97 -18.28 15.95 2.47
C ARG E 97 -17.73 16.86 1.36
N GLY E 98 -17.46 18.14 1.65
CA GLY E 98 -16.88 19.11 0.69
C GLY E 98 -17.93 19.91 -0.06
N ASP E 99 -19.22 19.81 0.29
CA ASP E 99 -20.32 20.58 -0.33
C ASP E 99 -20.11 22.09 -0.12
N ASP E 100 -20.74 22.92 -0.97
CA ASP E 100 -20.93 24.37 -0.75
C ASP E 100 -22.21 24.55 0.07
N LEU E 101 -22.16 25.34 1.14
CA LEU E 101 -23.17 25.30 2.22
C LEU E 101 -24.24 26.40 2.03
N SER E 102 -24.00 27.42 1.18
CA SER E 102 -24.99 28.50 0.91
C SER E 102 -26.25 27.93 0.27
N PRO E 103 -26.18 27.27 -0.90
CA PRO E 103 -27.39 26.73 -1.51
C PRO E 103 -28.19 25.88 -0.52
N PRO E 104 -27.62 24.85 0.13
CA PRO E 104 -28.39 24.02 1.06
C PRO E 104 -29.11 24.85 2.14
N ILE E 105 -28.38 25.76 2.80
CA ILE E 105 -28.90 26.62 3.91
C ILE E 105 -30.07 27.49 3.40
N LYS E 106 -29.87 28.19 2.27
CA LYS E 106 -30.89 29.02 1.57
C LYS E 106 -32.13 28.17 1.24
N ASP E 107 -31.94 26.94 0.72
CA ASP E 107 -33.04 25.99 0.40
C ASP E 107 -33.76 25.61 1.68
N LEU E 108 -33.02 25.40 2.77
CA LEU E 108 -33.63 24.89 4.03
C LEU E 108 -34.52 25.98 4.62
N ALA E 109 -34.09 27.24 4.47
CA ALA E 109 -34.84 28.44 4.91
C ALA E 109 -36.07 28.64 4.02
N ARG E 110 -35.99 28.37 2.71
CA ARG E 110 -37.21 28.38 1.83
C ARG E 110 -38.23 27.39 2.38
N THR E 111 -37.81 26.12 2.47
CA THR E 111 -38.60 24.93 2.90
C THR E 111 -39.38 25.21 4.20
N ALA E 112 -38.73 25.74 5.23
CA ALA E 112 -39.33 26.00 6.56
C ALA E 112 -40.44 27.07 6.51
N ALA E 113 -40.45 27.92 5.48
CA ALA E 113 -41.48 28.98 5.26
C ALA E 113 -42.74 28.38 4.61
N ARG E 114 -42.63 27.19 4.02
CA ARG E 114 -43.61 26.61 3.06
C ARG E 114 -43.82 25.11 3.34
N LEU E 115 -44.00 24.72 4.60
CA LEU E 115 -44.16 23.28 4.95
C LEU E 115 -45.64 22.94 5.05
N GLU E 116 -46.03 21.82 4.44
CA GLU E 116 -47.41 21.25 4.48
C GLU E 116 -47.77 20.89 5.95
N GLY E 117 -46.79 20.91 6.87
CA GLY E 117 -47.04 20.65 8.31
C GLY E 117 -46.04 21.32 9.24
N PRO E 118 -46.30 21.32 10.56
CA PRO E 118 -45.41 21.96 11.54
C PRO E 118 -44.09 21.21 11.81
N VAL E 119 -43.10 21.95 12.34
CA VAL E 119 -41.68 21.53 12.47
C VAL E 119 -41.04 22.26 13.67
N ILE E 120 -40.15 21.59 14.39
CA ILE E 120 -39.21 22.25 15.34
C ILE E 120 -37.78 22.00 14.84
N PHE E 121 -36.95 23.04 14.84
CA PHE E 121 -35.50 22.95 14.58
C PHE E 121 -34.74 23.11 15.90
N VAL E 122 -33.64 22.35 16.05
CA VAL E 122 -32.73 22.45 17.22
C VAL E 122 -31.32 22.69 16.71
N SER E 123 -30.60 23.63 17.31
CA SER E 123 -29.33 24.18 16.76
C SER E 123 -28.42 24.75 17.85
N ASN E 124 -27.13 24.76 17.56
CA ASN E 124 -26.11 25.26 18.49
C ASN E 124 -25.78 26.71 18.14
N GLU E 125 -25.45 27.49 19.17
CA GLU E 125 -24.64 28.74 19.07
C GLU E 125 -23.18 28.31 19.23
N VAL E 126 -22.30 28.72 18.29
CA VAL E 126 -20.86 28.33 18.28
C VAL E 126 -19.96 29.57 18.05
N GLY E 127 -20.51 30.80 18.04
CA GLY E 127 -19.78 32.02 17.64
C GLY E 127 -19.31 32.91 18.80
N ALA E 128 -19.54 32.50 20.04
CA ALA E 128 -19.28 33.31 21.26
C ALA E 128 -17.95 32.89 21.94
N GLY E 129 -17.12 32.15 21.20
CA GLY E 129 -15.77 31.78 21.62
C GLY E 129 -14.76 32.70 20.97
N ILE E 130 -13.49 32.28 21.04
CA ILE E 130 -12.31 32.90 20.39
C ILE E 130 -12.18 32.33 18.98
N VAL E 131 -11.76 33.12 17.96
CA VAL E 131 -11.51 32.56 16.58
C VAL E 131 -10.80 31.23 16.70
N PRO E 132 -11.33 30.15 16.10
CA PRO E 132 -10.54 28.93 15.89
C PRO E 132 -9.20 29.02 15.15
N ASP E 133 -8.32 28.08 15.45
CA ASP E 133 -6.91 27.91 14.96
C ASP E 133 -6.88 27.60 13.45
N ASN E 134 -7.95 27.03 12.90
CA ASN E 134 -7.92 26.28 11.62
C ASN E 134 -9.11 26.70 10.76
N ALA E 135 -8.96 26.64 9.44
CA ALA E 135 -9.96 27.06 8.43
C ALA E 135 -11.29 26.31 8.62
N LEU E 136 -11.24 24.99 8.82
CA LEU E 136 -12.44 24.12 8.98
C LEU E 136 -13.38 24.69 10.07
N ALA E 137 -12.87 24.86 11.29
CA ALA E 137 -13.63 25.40 12.43
C ALA E 137 -14.19 26.79 12.08
N ARG E 138 -13.37 27.68 11.53
CA ARG E 138 -13.84 29.04 11.19
C ARG E 138 -14.95 28.96 10.14
N ALA E 139 -14.79 28.12 9.11
CA ALA E 139 -15.81 28.00 8.03
C ALA E 139 -17.11 27.46 8.64
N PHE E 140 -17.00 26.62 9.67
CA PHE E 140 -18.18 26.03 10.34
C PHE E 140 -18.87 27.10 11.20
N ARG E 141 -18.09 27.93 11.90
CA ARG E 141 -18.57 29.08 12.71
C ARG E 141 -19.42 30.01 11.83
N ASP E 142 -18.87 30.42 10.68
CA ASP E 142 -19.53 31.38 9.74
C ASP E 142 -20.84 30.78 9.23
N ALA E 143 -20.88 29.49 8.92
CA ALA E 143 -22.09 28.82 8.35
C ALA E 143 -23.14 28.60 9.44
N GLN E 144 -22.77 28.11 10.61
CA GLN E 144 -23.73 27.95 11.74
C GLN E 144 -24.30 29.34 12.07
N GLY E 145 -23.47 30.36 12.10
CA GLY E 145 -23.94 31.75 12.18
C GLY E 145 -25.03 32.02 11.16
N MET E 146 -24.69 31.95 9.87
CA MET E 146 -25.57 32.26 8.72
C MET E 146 -26.88 31.46 8.85
N CYS E 147 -26.78 30.18 9.15
CA CYS E 147 -27.91 29.21 9.16
C CYS E 147 -28.90 29.63 10.22
N ASN E 148 -28.43 29.95 11.43
CA ASN E 148 -29.31 30.34 12.56
C ASN E 148 -30.03 31.63 12.17
N GLN E 149 -29.36 32.51 11.41
CA GLN E 149 -29.93 33.82 10.99
C GLN E 149 -31.09 33.58 10.02
N ARG E 150 -30.88 32.71 9.02
CA ARG E 150 -31.85 32.47 7.92
C ARG E 150 -33.03 31.66 8.48
N LEU E 151 -32.79 30.77 9.43
CA LEU E 151 -33.87 30.01 10.09
C LEU E 151 -34.63 30.93 11.05
N ALA E 152 -33.95 31.82 11.77
CA ALA E 152 -34.61 32.75 12.70
C ALA E 152 -35.57 33.64 11.88
N GLU E 153 -35.10 34.16 10.74
CA GLU E 153 -35.89 34.98 9.79
C GLU E 153 -37.10 34.12 9.31
N ALA E 154 -36.84 32.92 8.78
CA ALA E 154 -37.86 32.05 8.14
C ALA E 154 -38.92 31.54 9.13
N CYS E 155 -38.52 31.15 10.34
CA CYS E 155 -39.37 30.49 11.35
C CYS E 155 -40.27 31.52 12.03
N ASP E 156 -41.48 31.11 12.43
CA ASP E 156 -42.50 31.95 13.12
C ASP E 156 -42.06 32.21 14.56
N ALA E 157 -41.37 31.24 15.17
CA ALA E 157 -41.00 31.28 16.61
C ALA E 157 -39.53 30.88 16.77
N VAL E 158 -38.84 31.60 17.65
CA VAL E 158 -37.40 31.41 18.00
C VAL E 158 -37.29 31.52 19.51
N THR E 159 -36.69 30.52 20.15
CA THR E 159 -36.42 30.60 21.60
C THR E 159 -34.95 30.27 21.84
N LEU E 160 -34.33 31.07 22.69
CA LEU E 160 -32.93 30.90 23.15
C LEU E 160 -33.00 30.18 24.48
N VAL E 161 -32.31 29.05 24.62
CA VAL E 161 -32.34 28.20 25.84
C VAL E 161 -30.97 28.28 26.54
N THR E 162 -30.99 28.65 27.83
CA THR E 162 -29.79 28.83 28.68
C THR E 162 -29.99 28.12 30.03
N ALA E 163 -29.00 27.30 30.42
CA ALA E 163 -28.98 26.54 31.68
C ALA E 163 -30.38 25.93 31.92
N GLY E 164 -30.99 25.46 30.83
CA GLY E 164 -32.22 24.63 30.82
C GLY E 164 -33.46 25.49 30.68
N ILE E 165 -33.29 26.80 30.62
CA ILE E 165 -34.41 27.79 30.68
C ILE E 165 -34.54 28.46 29.31
N ALA E 166 -35.75 28.37 28.74
CA ALA E 166 -36.12 28.96 27.43
C ALA E 166 -36.61 30.39 27.62
N THR E 167 -36.12 31.31 26.79
CA THR E 167 -36.65 32.69 26.59
C THR E 167 -37.03 32.85 25.12
N GLN E 168 -38.23 33.38 24.88
CA GLN E 168 -38.74 33.66 23.51
C GLN E 168 -38.10 34.98 23.06
N ILE E 169 -37.58 35.04 21.84
CA ILE E 169 -37.06 36.31 21.24
C ILE E 169 -37.89 36.65 19.99
N LYS E 170 -38.68 35.68 19.49
CA LYS E 170 -39.61 35.85 18.33
C LYS E 170 -40.81 34.91 18.49
N PRO E 171 -42.05 35.38 18.25
CA PRO E 171 -42.31 36.80 17.95
C PRO E 171 -42.10 37.75 19.16
N GLY E 172 -42.33 39.03 18.91
CA GLY E 172 -42.01 40.13 19.85
C GLY E 172 -41.47 41.29 19.03
N PRO E 173 -41.97 42.53 19.20
CA PRO E 173 -41.37 43.66 18.49
C PRO E 173 -39.91 43.84 18.95
N GLU E 174 -38.97 43.76 18.01
CA GLU E 174 -37.50 43.87 18.25
C GLU E 174 -37.12 45.36 18.26
N PRO E 175 -36.11 45.78 19.06
CA PRO E 175 -35.96 47.19 19.44
C PRO E 175 -35.57 48.12 18.28
N VAL E 176 -35.83 49.40 18.47
CA VAL E 176 -35.57 50.52 17.50
C VAL E 176 -35.18 51.75 18.33
N PHE E 177 -34.11 52.44 17.95
CA PHE E 177 -33.46 53.57 18.69
C PHE E 177 -33.49 54.85 17.82
N ARG E 178 -33.69 56.04 18.40
CA ARG E 178 -33.76 57.30 17.59
C ARG E 178 -32.42 58.06 17.68
N ASP F 1 -9.16 21.38 -44.12
CA ASP F 1 -8.42 20.10 -44.29
C ASP F 1 -6.91 20.39 -44.26
N PRO F 2 -6.26 20.43 -43.07
CA PRO F 2 -4.82 20.20 -42.98
C PRO F 2 -4.50 18.79 -43.53
N ILE F 3 -3.22 18.46 -43.66
CA ILE F 3 -2.76 17.23 -44.35
C ILE F 3 -1.56 16.66 -43.60
N LYS F 4 -1.38 15.33 -43.63
CA LYS F 4 -0.30 14.63 -42.91
C LYS F 4 0.99 14.72 -43.70
N SER F 5 0.91 14.53 -45.02
CA SER F 5 2.05 14.12 -45.87
C SER F 5 2.03 14.86 -47.22
N LEU F 6 3.20 15.41 -47.59
CA LEU F 6 3.43 16.12 -48.87
C LEU F 6 4.53 15.41 -49.67
N LEU F 7 4.28 15.15 -50.96
CA LEU F 7 5.33 14.70 -51.91
C LEU F 7 5.70 15.85 -52.85
N VAL F 8 7.00 16.17 -52.92
CA VAL F 8 7.55 17.28 -53.74
C VAL F 8 8.52 16.68 -54.77
N VAL F 9 8.07 16.55 -56.04
CA VAL F 9 8.88 16.04 -57.20
C VAL F 9 9.24 17.20 -58.12
N GLY F 10 10.48 17.23 -58.59
CA GLY F 10 10.90 17.96 -59.81
C GLY F 10 12.21 17.44 -60.36
N GLY F 11 12.66 18.01 -61.49
CA GLY F 11 13.96 17.69 -62.09
C GLY F 11 15.09 18.18 -61.21
N ALA F 12 16.32 18.02 -61.65
CA ALA F 12 17.52 18.51 -60.96
C ALA F 12 17.54 20.04 -61.00
N ARG F 13 18.10 20.66 -59.96
CA ARG F 13 18.13 22.13 -59.68
C ARG F 13 16.81 22.78 -60.15
N SER F 14 15.67 22.27 -59.69
CA SER F 14 14.33 22.72 -60.13
C SER F 14 13.70 23.64 -59.08
N GLY F 15 14.32 23.75 -57.90
CA GLY F 15 13.78 24.47 -56.72
C GLY F 15 12.97 23.61 -55.76
N LYS F 16 13.01 22.29 -55.90
CA LYS F 16 12.37 21.30 -54.99
C LYS F 16 12.62 21.64 -53.51
N SER F 17 13.87 21.76 -53.11
CA SER F 17 14.32 21.91 -51.70
C SER F 17 13.86 23.24 -51.10
N ARG F 18 14.07 24.35 -51.80
CA ARG F 18 13.65 25.70 -51.34
C ARG F 18 12.12 25.68 -51.16
N PHE F 19 11.36 25.07 -52.09
CA PHE F 19 9.87 24.99 -51.96
C PHE F 19 9.51 24.20 -50.69
N ALA F 20 10.16 23.05 -50.50
CA ALA F 20 9.95 22.18 -49.32
C ALA F 20 10.34 22.95 -48.05
N GLN F 21 11.41 23.74 -48.10
CA GLN F 21 11.90 24.53 -46.94
C GLN F 21 10.88 25.61 -46.55
N ARG F 22 10.19 26.22 -47.51
CA ARG F 22 9.28 27.36 -47.23
C ARG F 22 7.91 26.84 -46.78
N MET F 23 7.52 25.61 -47.12
CA MET F 23 6.31 24.93 -46.60
C MET F 23 6.62 24.30 -45.23
N ALA F 24 7.89 24.20 -44.84
CA ALA F 24 8.34 23.67 -43.54
C ALA F 24 8.44 24.79 -42.51
N GLU F 25 8.70 26.02 -42.97
CA GLU F 25 8.94 27.19 -42.09
C GLU F 25 7.61 27.94 -41.87
N ALA F 26 6.55 27.62 -42.61
CA ALA F 26 5.20 28.23 -42.44
C ALA F 26 4.33 27.32 -41.57
N SER F 27 4.86 26.15 -41.18
CA SER F 27 4.17 25.13 -40.34
C SER F 27 4.31 25.50 -38.85
N GLY F 28 5.40 26.15 -38.47
CA GLY F 28 5.69 26.53 -37.07
C GLY F 28 5.76 25.31 -36.16
N ARG F 29 6.89 24.59 -36.21
CA ARG F 29 7.10 23.28 -35.53
C ARG F 29 8.59 23.05 -35.26
N SER F 30 8.93 21.93 -34.61
CA SER F 30 10.32 21.43 -34.48
C SER F 30 10.68 20.77 -35.80
N LEU F 31 11.62 21.38 -36.53
CA LEU F 31 11.93 21.04 -37.95
C LEU F 31 13.11 20.05 -37.98
N VAL F 32 12.89 18.90 -38.62
CA VAL F 32 13.91 17.82 -38.77
C VAL F 32 14.14 17.53 -40.26
N LEU F 33 15.35 17.83 -40.74
CA LEU F 33 15.91 17.36 -42.03
C LEU F 33 16.47 15.96 -41.84
N ILE F 34 15.77 14.97 -42.38
CA ILE F 34 16.21 13.54 -42.47
C ILE F 34 17.19 13.44 -43.65
N ALA F 35 18.51 13.54 -43.42
CA ALA F 35 19.56 13.51 -44.47
C ALA F 35 19.80 12.07 -44.95
N THR F 36 19.62 11.81 -46.25
CA THR F 36 19.96 10.54 -46.95
C THR F 36 21.34 10.65 -47.60
N ALA F 37 21.92 11.86 -47.61
CA ALA F 37 23.14 12.27 -48.36
C ALA F 37 24.39 12.13 -47.50
N GLN F 38 25.51 11.69 -48.09
CA GLN F 38 26.82 11.51 -47.41
C GLN F 38 27.93 12.06 -48.31
N PRO F 39 28.02 13.39 -48.50
CA PRO F 39 28.97 14.02 -49.42
C PRO F 39 30.35 13.34 -49.50
N LEU F 40 30.66 12.76 -50.68
CA LEU F 40 31.87 11.92 -50.93
C LEU F 40 32.54 12.32 -52.26
N ASP F 41 32.30 13.55 -52.73
CA ASP F 41 33.09 14.20 -53.82
C ASP F 41 33.01 15.73 -53.61
N ALA F 42 33.86 16.47 -54.34
CA ALA F 42 34.00 17.95 -54.22
C ALA F 42 32.65 18.61 -54.50
N GLU F 43 32.03 18.30 -55.65
CA GLU F 43 30.80 18.99 -56.14
C GLU F 43 29.58 18.58 -55.28
N MET F 44 29.68 17.49 -54.50
CA MET F 44 28.60 17.11 -53.55
C MET F 44 28.83 17.76 -52.17
N ALA F 45 30.10 17.93 -51.77
CA ALA F 45 30.51 18.71 -50.58
C ALA F 45 30.03 20.16 -50.72
N ASP F 46 29.94 20.63 -51.96
CA ASP F 46 29.54 22.02 -52.30
C ASP F 46 28.01 22.17 -52.23
N ARG F 47 27.23 21.10 -52.47
CA ARG F 47 25.74 21.15 -52.39
C ARG F 47 25.32 21.34 -50.93
N ILE F 48 25.71 20.41 -50.03
CA ILE F 48 25.35 20.40 -48.57
C ILE F 48 26.01 21.59 -47.86
N SER F 49 27.13 22.12 -48.37
CA SER F 49 27.73 23.39 -47.90
C SER F 49 26.74 24.54 -48.13
N ARG F 50 26.30 24.77 -49.38
CA ARG F 50 25.42 25.91 -49.76
C ARG F 50 23.99 25.69 -49.25
N HIS F 51 23.57 24.44 -49.04
CA HIS F 51 22.24 24.07 -48.47
C HIS F 51 22.24 24.22 -46.93
N ALA F 52 23.40 24.09 -46.26
CA ALA F 52 23.55 24.26 -44.78
C ALA F 52 23.66 25.76 -44.45
N ALA F 53 23.96 26.60 -45.44
CA ALA F 53 24.04 28.08 -45.33
C ALA F 53 22.64 28.71 -45.47
N ASP F 54 21.80 28.21 -46.38
CA ASP F 54 20.44 28.75 -46.68
C ASP F 54 19.44 28.34 -45.59
N ARG F 55 19.86 27.61 -44.55
CA ARG F 55 18.96 27.17 -43.46
C ARG F 55 19.28 27.97 -42.19
N ASP F 56 18.23 28.28 -41.41
CA ASP F 56 18.30 28.83 -40.03
C ASP F 56 18.96 27.77 -39.13
N ALA F 57 19.30 28.13 -37.89
CA ALA F 57 19.74 27.17 -36.84
C ALA F 57 18.51 26.49 -36.23
N ARG F 58 17.32 26.85 -36.74
CA ARG F 58 15.98 26.32 -36.37
C ARG F 58 15.80 24.84 -36.80
N TRP F 59 16.72 24.29 -37.59
CA TRP F 59 16.61 22.95 -38.22
C TRP F 59 17.45 21.93 -37.42
N THR F 60 16.88 20.75 -37.17
CA THR F 60 17.61 19.58 -36.62
C THR F 60 17.94 18.62 -37.77
N LEU F 61 19.11 17.97 -37.72
CA LEU F 61 19.60 17.10 -38.82
C LEU F 61 19.82 15.69 -38.27
N ILE F 62 18.87 14.78 -38.53
CA ILE F 62 18.95 13.32 -38.21
C ILE F 62 19.24 12.56 -39.50
N GLU F 63 20.38 11.87 -39.57
CA GLU F 63 20.87 11.12 -40.77
C GLU F 63 20.25 9.73 -40.78
N ALA F 64 19.78 9.29 -41.95
CA ALA F 64 19.27 7.92 -42.18
C ALA F 64 19.59 7.51 -43.63
N PHE F 65 20.75 6.88 -43.84
CA PHE F 65 21.31 6.55 -45.17
C PHE F 65 20.63 5.32 -45.76
N PHE F 66 20.28 4.31 -44.94
CA PHE F 66 19.81 2.98 -45.41
C PHE F 66 18.42 2.66 -44.86
N ASP F 67 18.19 2.89 -43.57
CA ASP F 67 16.94 2.45 -42.88
C ASP F 67 16.03 3.69 -42.70
N LEU F 68 15.80 4.42 -43.80
CA LEU F 68 14.86 5.59 -43.88
C LEU F 68 13.46 5.09 -43.52
N GLY F 69 13.04 3.96 -44.06
CA GLY F 69 11.75 3.32 -43.72
C GLY F 69 11.49 3.37 -42.22
N GLN F 70 12.48 2.93 -41.43
CA GLN F 70 12.43 2.80 -39.95
C GLN F 70 12.58 4.18 -39.29
N THR F 71 13.65 4.92 -39.56
CA THR F 71 13.97 6.24 -38.93
C THR F 71 12.77 7.20 -38.97
N LEU F 72 11.83 7.02 -39.91
CA LEU F 72 10.58 7.83 -40.02
C LEU F 72 9.57 7.39 -38.97
N ARG F 73 9.29 6.09 -38.88
CA ARG F 73 8.28 5.50 -37.94
C ARG F 73 8.65 5.82 -36.48
N ARG F 74 9.84 6.34 -36.19
CA ARG F 74 10.31 6.56 -34.80
C ARG F 74 10.21 8.04 -34.43
N GLU F 75 10.73 8.96 -35.25
CA GLU F 75 10.98 10.35 -34.81
C GLU F 75 9.85 11.30 -35.28
N ALA F 76 8.89 10.83 -36.08
CA ALA F 76 7.72 11.63 -36.50
C ALA F 76 6.69 11.63 -35.36
N GLN F 77 6.18 12.82 -35.00
CA GLN F 77 5.18 13.05 -33.92
C GLN F 77 4.50 14.41 -34.20
N PRO F 78 3.21 14.62 -33.82
CA PRO F 78 2.48 15.83 -34.22
C PRO F 78 3.13 17.17 -33.84
N GLU F 79 4.13 17.14 -32.93
CA GLU F 79 4.90 18.33 -32.50
C GLU F 79 6.13 18.54 -33.40
N ARG F 80 6.29 17.72 -34.44
CA ARG F 80 7.46 17.72 -35.36
C ARG F 80 6.99 17.83 -36.82
N LEU F 81 7.83 18.40 -37.68
CA LEU F 81 7.74 18.27 -39.15
C LEU F 81 9.02 17.61 -39.65
N LEU F 82 8.87 16.44 -40.28
CA LEU F 82 10.01 15.70 -40.87
C LEU F 82 10.10 16.04 -42.36
N VAL F 83 11.29 16.47 -42.81
CA VAL F 83 11.58 16.70 -44.26
C VAL F 83 12.68 15.74 -44.73
N VAL F 84 12.39 14.94 -45.75
CA VAL F 84 13.34 13.91 -46.28
C VAL F 84 14.18 14.53 -47.40
N ASP F 85 15.43 14.91 -47.08
CA ASP F 85 16.45 15.49 -48.01
C ASP F 85 16.21 14.95 -49.43
N SER F 86 16.51 13.67 -49.69
CA SER F 86 16.29 13.03 -51.01
C SER F 86 15.96 11.54 -50.90
N VAL F 87 14.71 11.17 -51.20
CA VAL F 87 14.30 9.79 -51.57
C VAL F 87 15.31 9.26 -52.59
N THR F 88 15.60 10.05 -53.62
CA THR F 88 16.47 9.67 -54.76
C THR F 88 17.81 9.15 -54.24
N LEU F 89 18.45 9.87 -53.32
CA LEU F 89 19.80 9.48 -52.81
C LEU F 89 19.68 8.23 -51.93
N TRP F 90 18.51 7.97 -51.34
CA TRP F 90 18.31 6.78 -50.47
C TRP F 90 18.22 5.54 -51.37
N LEU F 91 17.36 5.59 -52.38
CA LEU F 91 17.20 4.52 -53.40
C LEU F 91 18.56 4.13 -53.96
N SER F 92 19.38 5.13 -54.27
CA SER F 92 20.73 4.98 -54.86
C SER F 92 21.65 4.19 -53.91
N ASN F 93 21.69 4.55 -52.63
CA ASN F 93 22.41 3.82 -51.55
C ASN F 93 21.98 2.34 -51.52
N LEU F 94 20.68 2.09 -51.44
CA LEU F 94 20.09 0.71 -51.50
C LEU F 94 20.52 -0.03 -52.77
N LEU F 95 20.57 0.63 -53.94
CA LEU F 95 20.84 -0.03 -55.24
C LEU F 95 22.33 -0.34 -55.37
N LEU F 96 23.19 0.58 -54.93
CA LEU F 96 24.67 0.43 -54.93
C LEU F 96 25.11 -0.64 -53.92
N ARG F 97 24.26 -1.01 -52.96
CA ARG F 97 24.56 -2.00 -51.90
C ARG F 97 23.99 -3.37 -52.26
N GLY F 98 23.24 -3.51 -53.34
CA GLY F 98 22.72 -4.79 -53.86
C GLY F 98 21.36 -5.19 -53.28
N ASP F 99 20.70 -4.33 -52.49
CA ASP F 99 19.38 -4.68 -51.91
C ASP F 99 18.36 -4.75 -53.05
N ASP F 100 17.44 -5.72 -52.99
CA ASP F 100 16.14 -5.63 -53.70
C ASP F 100 15.42 -4.38 -53.19
N LEU F 101 14.93 -3.54 -54.10
CA LEU F 101 14.47 -2.16 -53.82
C LEU F 101 12.94 -2.13 -53.64
N SER F 102 12.23 -3.19 -54.05
CA SER F 102 10.75 -3.23 -54.11
C SER F 102 10.14 -3.41 -52.71
N PRO F 103 10.68 -4.29 -51.81
CA PRO F 103 10.23 -4.31 -50.41
C PRO F 103 10.44 -2.98 -49.69
N PRO F 104 11.66 -2.37 -49.62
CA PRO F 104 11.83 -1.10 -48.90
C PRO F 104 11.08 0.11 -49.49
N ILE F 105 10.59 0.00 -50.73
CA ILE F 105 9.72 1.04 -51.38
C ILE F 105 8.31 0.87 -50.83
N LYS F 106 7.76 -0.35 -50.94
CA LYS F 106 6.45 -0.74 -50.36
C LYS F 106 6.44 -0.49 -48.84
N ASP F 107 7.52 -0.86 -48.13
CA ASP F 107 7.80 -0.48 -46.71
C ASP F 107 7.45 0.99 -46.52
N LEU F 108 8.16 1.87 -47.24
CA LEU F 108 8.14 3.34 -47.04
C LEU F 108 6.78 3.91 -47.39
N ALA F 109 6.11 3.37 -48.41
CA ALA F 109 4.78 3.84 -48.89
C ALA F 109 3.73 3.57 -47.81
N ARG F 110 3.86 2.44 -47.10
CA ARG F 110 2.93 2.02 -46.03
C ARG F 110 3.20 2.94 -44.84
N THR F 111 4.48 3.17 -44.50
CA THR F 111 4.92 4.07 -43.41
C THR F 111 4.38 5.48 -43.62
N ALA F 112 4.32 5.95 -44.87
CA ALA F 112 3.87 7.31 -45.25
C ALA F 112 2.45 7.55 -44.76
N ALA F 113 1.58 6.56 -44.98
CA ALA F 113 0.12 6.60 -44.69
C ALA F 113 -0.15 6.49 -43.17
N ARG F 114 0.73 5.85 -42.39
CA ARG F 114 0.53 5.56 -40.93
C ARG F 114 1.43 6.44 -40.04
N LEU F 115 2.00 7.53 -40.57
CA LEU F 115 2.95 8.35 -39.78
C LEU F 115 2.21 9.05 -38.63
N GLU F 116 2.81 9.06 -37.42
CA GLU F 116 2.25 9.68 -36.20
C GLU F 116 2.33 11.20 -36.34
N GLY F 117 3.21 11.73 -37.20
CA GLY F 117 3.43 13.18 -37.44
C GLY F 117 3.34 13.58 -38.92
N PRO F 118 3.55 14.88 -39.26
CA PRO F 118 3.58 15.32 -40.66
C PRO F 118 4.96 15.18 -41.31
N VAL F 119 4.96 14.91 -42.62
CA VAL F 119 6.19 14.65 -43.43
C VAL F 119 6.09 15.27 -44.84
N ILE F 120 7.16 15.89 -45.30
CA ILE F 120 7.37 16.26 -46.73
C ILE F 120 8.51 15.40 -47.26
N PHE F 121 8.23 14.63 -48.31
CA PHE F 121 9.22 13.87 -49.10
C PHE F 121 9.64 14.67 -50.33
N VAL F 122 10.95 14.83 -50.52
CA VAL F 122 11.58 15.43 -51.72
C VAL F 122 12.21 14.31 -52.58
N SER F 123 11.87 14.26 -53.87
CA SER F 123 12.19 13.16 -54.81
C SER F 123 12.42 13.73 -56.22
N ASN F 124 13.32 13.14 -57.01
CA ASN F 124 13.60 13.59 -58.40
C ASN F 124 12.70 12.83 -59.39
N GLU F 125 12.25 13.49 -60.44
CA GLU F 125 11.78 12.86 -61.71
C GLU F 125 13.04 12.55 -62.55
N VAL F 126 13.13 11.33 -63.09
CA VAL F 126 14.32 10.91 -63.88
C VAL F 126 13.89 10.09 -65.10
N GLY F 127 12.61 10.09 -65.43
CA GLY F 127 12.02 9.16 -66.42
C GLY F 127 11.81 9.79 -67.79
N ALA F 128 12.31 11.02 -68.00
CA ALA F 128 11.89 11.88 -69.14
C ALA F 128 13.06 12.13 -70.11
N GLY F 129 14.11 11.30 -70.08
CA GLY F 129 15.19 11.33 -71.08
C GLY F 129 15.19 10.09 -71.96
N ILE F 130 16.31 9.76 -72.60
CA ILE F 130 16.47 8.52 -73.40
C ILE F 130 16.77 7.36 -72.45
N VAL F 131 16.27 6.14 -72.71
CA VAL F 131 16.71 4.92 -71.97
C VAL F 131 18.21 5.02 -71.76
N PRO F 132 18.69 4.81 -70.52
CA PRO F 132 20.13 4.70 -70.29
C PRO F 132 20.75 3.48 -70.97
N ASP F 133 22.03 3.60 -71.37
CA ASP F 133 22.82 2.59 -72.12
C ASP F 133 23.25 1.42 -71.22
N ASN F 134 23.21 1.55 -69.88
CA ASN F 134 23.66 0.49 -68.91
C ASN F 134 22.54 0.17 -67.91
N ALA F 135 22.55 -1.05 -67.37
CA ALA F 135 21.40 -1.68 -66.69
C ALA F 135 21.26 -1.14 -65.26
N LEU F 136 22.34 -0.64 -64.67
CA LEU F 136 22.30 -0.03 -63.31
C LEU F 136 21.31 1.14 -63.38
N ALA F 137 21.56 2.08 -64.31
CA ALA F 137 20.74 3.30 -64.51
C ALA F 137 19.32 2.94 -64.98
N ARG F 138 19.14 1.89 -65.78
CA ARG F 138 17.79 1.46 -66.26
C ARG F 138 16.96 1.03 -65.05
N ALA F 139 17.54 0.22 -64.15
CA ALA F 139 16.94 -0.29 -62.89
C ALA F 139 16.68 0.87 -61.90
N PHE F 140 17.63 1.79 -61.75
CA PHE F 140 17.44 2.99 -60.89
C PHE F 140 16.22 3.77 -61.38
N ARG F 141 16.14 3.97 -62.71
CA ARG F 141 15.10 4.77 -63.39
C ARG F 141 13.72 4.15 -63.14
N ASP F 142 13.64 2.82 -63.22
CA ASP F 142 12.38 2.05 -63.07
C ASP F 142 11.98 2.05 -61.60
N ALA F 143 12.96 1.94 -60.69
CA ALA F 143 12.72 1.97 -59.22
C ALA F 143 12.33 3.38 -58.78
N GLN F 144 12.86 4.43 -59.39
CA GLN F 144 12.59 5.81 -58.92
C GLN F 144 11.18 6.23 -59.37
N GLY F 145 10.68 5.69 -60.47
CA GLY F 145 9.34 6.04 -61.00
C GLY F 145 8.25 5.33 -60.21
N MET F 146 8.51 4.08 -59.81
CA MET F 146 7.65 3.23 -58.94
C MET F 146 7.51 3.89 -57.56
N CYS F 147 8.62 4.36 -57.00
CA CYS F 147 8.69 4.93 -55.64
C CYS F 147 7.98 6.30 -55.61
N ASN F 148 7.85 6.95 -56.75
CA ASN F 148 7.20 8.28 -56.84
C ASN F 148 5.72 8.07 -57.05
N GLN F 149 5.34 6.97 -57.70
CA GLN F 149 3.91 6.56 -57.85
C GLN F 149 3.34 6.11 -56.50
N ARG F 150 4.11 5.41 -55.67
CA ARG F 150 3.66 4.85 -54.37
C ARG F 150 3.65 5.95 -53.31
N LEU F 151 4.71 6.75 -53.20
CA LEU F 151 4.72 7.91 -52.26
C LEU F 151 3.60 8.90 -52.62
N ALA F 152 3.16 8.94 -53.87
CA ALA F 152 2.08 9.84 -54.35
C ALA F 152 0.73 9.27 -53.93
N GLU F 153 0.48 8.02 -54.28
CA GLU F 153 -0.71 7.21 -53.88
C GLU F 153 -0.96 7.38 -52.37
N ALA F 154 0.07 7.17 -51.54
CA ALA F 154 0.01 7.30 -50.06
C ALA F 154 -0.29 8.75 -49.66
N CYS F 155 0.64 9.67 -49.97
CA CYS F 155 0.68 11.06 -49.45
C CYS F 155 -0.66 11.76 -49.74
N ASP F 156 -1.07 12.67 -48.86
CA ASP F 156 -2.36 13.41 -48.97
C ASP F 156 -2.24 14.43 -50.10
N ALA F 157 -1.07 15.08 -50.21
CA ALA F 157 -0.77 16.13 -51.21
C ALA F 157 0.46 15.77 -52.06
N VAL F 158 0.37 16.03 -53.37
CA VAL F 158 1.51 15.97 -54.34
C VAL F 158 1.64 17.36 -55.00
N THR F 159 2.84 17.94 -54.92
CA THR F 159 3.25 19.13 -55.71
C THR F 159 4.36 18.77 -56.72
N LEU F 160 4.34 19.36 -57.90
CA LEU F 160 5.36 19.14 -58.95
C LEU F 160 5.98 20.51 -59.31
N VAL F 161 7.25 20.72 -58.96
CA VAL F 161 8.02 22.00 -59.11
C VAL F 161 8.77 22.06 -60.45
N THR F 162 8.58 23.14 -61.20
CA THR F 162 9.28 23.46 -62.49
C THR F 162 9.89 24.86 -62.41
N ALA F 163 11.20 24.99 -62.64
CA ALA F 163 11.91 26.28 -62.71
C ALA F 163 11.51 27.12 -61.48
N GLY F 164 11.58 26.51 -60.30
CA GLY F 164 11.34 27.14 -58.99
C GLY F 164 9.87 27.33 -58.64
N ILE F 165 8.95 26.90 -59.50
CA ILE F 165 7.49 27.20 -59.34
C ILE F 165 6.71 25.90 -59.15
N ALA F 166 5.96 25.82 -58.05
CA ALA F 166 5.16 24.64 -57.60
C ALA F 166 3.75 24.67 -58.19
N THR F 167 3.23 23.49 -58.54
CA THR F 167 1.89 23.24 -59.11
C THR F 167 1.28 22.06 -58.34
N GLN F 168 0.02 22.14 -57.95
CA GLN F 168 -0.64 21.08 -57.15
C GLN F 168 -1.38 20.17 -58.13
N ILE F 169 -1.12 18.86 -58.03
CA ILE F 169 -1.79 17.82 -58.87
C ILE F 169 -2.53 16.85 -57.94
N LYS F 170 -2.33 16.99 -56.62
CA LYS F 170 -3.12 16.29 -55.57
C LYS F 170 -2.95 17.01 -54.23
N PRO F 171 -4.03 17.18 -53.42
CA PRO F 171 -5.40 16.84 -53.81
C PRO F 171 -5.94 17.58 -55.04
N GLY F 172 -6.92 16.96 -55.71
CA GLY F 172 -7.66 17.56 -56.83
C GLY F 172 -8.25 16.47 -57.73
N PRO F 173 -9.44 16.73 -58.31
CA PRO F 173 -10.13 15.70 -59.09
C PRO F 173 -9.20 15.21 -60.21
N GLU F 174 -8.98 13.90 -60.31
CA GLU F 174 -8.31 13.30 -61.48
C GLU F 174 -9.31 13.34 -62.62
N PRO F 175 -8.89 13.52 -63.89
CA PRO F 175 -9.81 13.52 -65.03
C PRO F 175 -10.56 12.20 -65.32
N VAL F 176 -11.62 12.32 -66.13
CA VAL F 176 -12.46 11.20 -66.65
C VAL F 176 -12.87 11.52 -68.08
N PHE F 177 -12.85 10.51 -68.96
CA PHE F 177 -13.16 10.60 -70.41
C PHE F 177 -14.25 9.56 -70.75
N ARG F 178 -15.08 9.82 -71.77
CA ARG F 178 -16.15 8.87 -72.20
C ARG F 178 -15.55 7.79 -73.10
#